data_6LBK
#
_entry.id   6LBK
#
_cell.length_a   79.960
_cell.length_b   40.720
_cell.length_c   105.000
_cell.angle_alpha   90.000
_cell.angle_beta   100.204
_cell.angle_gamma   90.000
#
_symmetry.space_group_name_H-M   'P 1 21 1'
#
loop_
_entity.id
_entity.type
_entity.pdbx_description
1 polymer 'Poly(A) RNA polymerase GLD2'
2 water water
#
_entity_poly.entity_id   1
_entity_poly.type   'polypeptide(L)'
_entity_poly.pdbx_seq_one_letter_code
;MGSSHHHHHHSSGLEVLFQGPHMGGSRCVPPLREIPLLEPREITLPEAKDKLSQQILELFETCQQQASDLKKKELCRAQL
QREIQLLFPQSRLFLVGSSLNGFGARSSDGDLCLVVKEEPCFFQVNQKTEARHILTLVHKHFCTRLSGYIERPQLIRAKV
PIVKFRDKVSCVEFALNVNNTVGIRNTFLLRTYAYLENRVRPLVLVIKKWASHHEINDASRGTLSSYSLVLMVLHYLQTL
PEPILPSLQKIYPESFSTSVQLHLVHHAPCNVPPYLSKNESSLGDLLLGFLKYYATEFDWNTQMISVREAKAIPRPDDME
WRNKYICVEEPFDGTNTARAVHEKQKFDMIKDQFLKSWQRLKNKRDLNSVLPLRAATLKR
;
_entity_poly.pdbx_strand_id   A,B
#
# COMPACT_ATOMS: atom_id res chain seq x y z
N THR A 44 -1.91 -3.75 29.83
CA THR A 44 -3.09 -3.56 30.67
C THR A 44 -3.91 -4.84 30.72
N LEU A 45 -4.08 -5.38 31.93
CA LEU A 45 -4.82 -6.62 32.07
C LEU A 45 -5.58 -6.63 33.38
N PRO A 46 -6.69 -7.38 33.47
CA PRO A 46 -7.51 -7.39 34.68
C PRO A 46 -6.83 -8.11 35.84
N GLU A 47 -7.59 -8.34 36.91
CA GLU A 47 -7.12 -8.75 38.22
C GLU A 47 -6.50 -10.15 38.31
N ALA A 48 -7.33 -11.18 38.19
CA ALA A 48 -6.93 -12.59 38.19
C ALA A 48 -6.46 -13.05 39.56
N LYS A 49 -7.37 -13.01 40.54
CA LYS A 49 -7.13 -13.47 41.90
C LYS A 49 -7.57 -14.92 42.12
N ASP A 50 -8.37 -15.47 41.21
CA ASP A 50 -8.96 -16.80 41.27
C ASP A 50 -8.58 -17.60 40.02
N LYS A 51 -8.92 -18.90 40.03
CA LYS A 51 -8.48 -19.78 38.94
C LYS A 51 -9.22 -19.48 37.64
N LEU A 52 -10.54 -19.29 37.71
CA LEU A 52 -11.32 -19.07 36.50
C LEU A 52 -10.88 -17.79 35.78
N SER A 53 -10.67 -16.69 36.54
CA SER A 53 -10.21 -15.45 35.93
C SER A 53 -8.83 -15.61 35.28
N GLN A 54 -7.92 -16.34 35.95
CA GLN A 54 -6.61 -16.59 35.38
C GLN A 54 -6.71 -17.40 34.09
N GLN A 55 -7.58 -18.41 34.06
CA GLN A 55 -7.76 -19.20 32.84
C GLN A 55 -8.34 -18.37 31.72
N ILE A 56 -9.18 -17.38 32.06
CA ILE A 56 -9.77 -16.52 31.04
C ILE A 56 -8.70 -15.61 30.45
N LEU A 57 -7.81 -15.08 31.31
CA LEU A 57 -6.69 -14.30 30.79
C LEU A 57 -5.69 -15.16 30.02
N GLU A 58 -5.42 -16.39 30.48
CA GLU A 58 -4.55 -17.30 29.74
C GLU A 58 -5.08 -17.59 28.35
N LEU A 59 -6.37 -17.90 28.25
CA LEU A 59 -6.99 -18.12 26.94
C LEU A 59 -6.99 -16.84 26.11
N PHE A 60 -7.24 -15.69 26.75
CA PHE A 60 -7.22 -14.43 26.05
C PHE A 60 -5.85 -14.18 25.42
N GLU A 61 -4.80 -14.33 26.21
CA GLU A 61 -3.47 -13.98 25.74
C GLU A 61 -2.94 -14.94 24.71
N THR A 62 -3.32 -16.24 24.78
CA THR A 62 -2.83 -17.14 23.75
C THR A 62 -3.68 -17.13 22.48
N CYS A 63 -4.96 -16.73 22.54
CA CYS A 63 -5.79 -16.74 21.33
C CYS A 63 -6.03 -15.36 20.72
N GLN A 64 -5.77 -14.28 21.45
CA GLN A 64 -5.93 -12.93 20.93
C GLN A 64 -5.17 -12.75 19.62
N GLN A 65 -5.77 -12.01 18.69
CA GLN A 65 -5.14 -11.76 17.40
C GLN A 65 -3.82 -11.01 17.57
N GLN A 66 -2.75 -11.59 17.06
CA GLN A 66 -1.42 -10.99 17.21
C GLN A 66 -1.14 -10.01 16.09
N ALA A 67 -0.24 -9.06 16.37
CA ALA A 67 0.09 -8.03 15.39
C ALA A 67 0.50 -8.63 14.05
N SER A 68 1.20 -9.79 14.07
CA SER A 68 1.65 -10.38 12.80
C SER A 68 0.48 -10.94 11.99
N ASP A 69 -0.54 -11.49 12.68
CA ASP A 69 -1.77 -11.92 11.99
C ASP A 69 -2.41 -10.74 11.26
N LEU A 70 -2.51 -9.61 11.96
CA LEU A 70 -3.13 -8.41 11.42
C LEU A 70 -2.27 -7.79 10.31
N LYS A 71 -0.95 -7.95 10.38
CA LYS A 71 -0.14 -7.46 9.29
C LYS A 71 -0.32 -8.29 8.03
N LYS A 72 -0.45 -9.63 8.17
CA LYS A 72 -0.70 -10.44 6.98
C LYS A 72 -2.07 -10.14 6.36
N LYS A 73 -3.05 -9.85 7.21
CA LYS A 73 -4.35 -9.46 6.68
C LYS A 73 -4.30 -8.07 6.02
N GLU A 74 -3.52 -7.15 6.58
CA GLU A 74 -3.43 -5.82 6.00
C GLU A 74 -2.65 -5.85 4.67
N LEU A 75 -1.60 -6.68 4.59
CA LEU A 75 -0.86 -6.85 3.34
C LEU A 75 -1.76 -7.45 2.27
N CYS A 76 -2.62 -8.39 2.67
CA CYS A 76 -3.57 -8.94 1.72
C CYS A 76 -4.61 -7.90 1.28
N ARG A 77 -5.08 -7.07 2.23
CA ARG A 77 -6.06 -6.02 1.92
C ARG A 77 -5.50 -5.01 0.93
N ALA A 78 -4.29 -4.52 1.19
CA ALA A 78 -3.66 -3.56 0.27
C ALA A 78 -3.39 -4.17 -1.10
N GLN A 79 -2.90 -5.43 -1.16
CA GLN A 79 -2.65 -6.03 -2.47
C GLN A 79 -3.94 -6.22 -3.24
N LEU A 80 -4.99 -6.64 -2.56
CA LEU A 80 -6.25 -6.83 -3.27
C LEU A 80 -6.85 -5.50 -3.69
N GLN A 81 -6.74 -4.45 -2.88
CA GLN A 81 -7.25 -3.17 -3.32
C GLN A 81 -6.57 -2.73 -4.61
N ARG A 82 -5.24 -2.76 -4.61
CA ARG A 82 -4.49 -2.51 -5.82
C ARG A 82 -5.01 -3.37 -6.97
N GLU A 83 -5.24 -4.65 -6.68
CA GLU A 83 -5.65 -5.57 -7.73
C GLU A 83 -7.06 -5.23 -8.24
N ILE A 84 -8.00 -4.91 -7.34
CA ILE A 84 -9.39 -4.60 -7.68
C ILE A 84 -9.47 -3.29 -8.43
N GLN A 85 -8.52 -2.39 -8.19
CA GLN A 85 -8.56 -1.09 -8.81
C GLN A 85 -8.32 -1.15 -10.30
N LEU A 86 -7.75 -2.24 -10.80
CA LEU A 86 -7.75 -2.44 -12.25
C LEU A 86 -9.17 -2.49 -12.78
N LEU A 87 -10.10 -3.05 -12.01
CA LEU A 87 -11.49 -3.16 -12.41
C LEU A 87 -12.30 -1.92 -12.03
N PHE A 88 -12.17 -1.46 -10.80
CA PHE A 88 -12.93 -0.30 -10.33
C PHE A 88 -11.93 0.69 -9.74
N PRO A 89 -11.37 1.56 -10.57
CA PRO A 89 -10.34 2.50 -10.09
C PRO A 89 -10.86 3.44 -9.04
N GLN A 90 -12.17 3.63 -8.94
CA GLN A 90 -12.72 4.52 -7.95
C GLN A 90 -13.07 3.79 -6.66
N SER A 91 -12.46 2.63 -6.42
CA SER A 91 -12.86 1.77 -5.31
C SER A 91 -11.78 1.73 -4.24
N ARG A 92 -12.22 1.55 -3.00
CA ARG A 92 -11.32 1.32 -1.87
C ARG A 92 -11.76 0.09 -1.09
N LEU A 93 -10.78 -0.59 -0.49
CA LEU A 93 -11.00 -1.87 0.19
C LEU A 93 -10.70 -1.71 1.69
N PHE A 94 -11.69 -2.00 2.53
CA PHE A 94 -11.58 -1.75 3.97
C PHE A 94 -11.54 -3.06 4.74
N LEU A 95 -10.59 -3.18 5.67
CA LEU A 95 -10.72 -4.23 6.68
C LEU A 95 -11.82 -3.83 7.66
N VAL A 96 -12.70 -4.79 7.98
CA VAL A 96 -13.83 -4.58 8.87
C VAL A 96 -14.00 -5.81 9.77
N GLY A 97 -14.77 -5.65 10.85
CA GLY A 97 -15.12 -6.80 11.67
C GLY A 97 -14.05 -7.17 12.69
N SER A 98 -13.99 -8.49 13.00
CA SER A 98 -13.07 -8.99 14.03
C SER A 98 -11.62 -8.62 13.76
N SER A 99 -11.21 -8.52 12.50
CA SER A 99 -9.83 -8.17 12.19
C SER A 99 -9.46 -6.81 12.76
N LEU A 100 -10.42 -5.91 12.88
CA LEU A 100 -10.09 -4.57 13.31
C LEU A 100 -10.93 -4.03 14.47
N ASN A 101 -12.05 -4.67 14.84
CA ASN A 101 -12.92 -4.14 15.89
C ASN A 101 -12.39 -4.42 17.30
N GLY A 102 -11.20 -5.00 17.45
CA GLY A 102 -10.65 -5.30 18.75
C GLY A 102 -11.06 -6.63 19.37
N PHE A 103 -11.96 -7.37 18.74
CA PHE A 103 -12.40 -8.65 19.28
C PHE A 103 -11.95 -9.82 18.41
N GLY A 104 -10.75 -9.71 17.84
CA GLY A 104 -10.21 -10.77 17.01
C GLY A 104 -9.36 -11.78 17.78
N ALA A 105 -9.41 -13.03 17.29
CA ALA A 105 -8.57 -14.13 17.73
C ALA A 105 -7.65 -14.54 16.59
N ARG A 106 -6.55 -15.21 16.94
CA ARG A 106 -5.62 -15.72 15.94
C ARG A 106 -6.35 -16.43 14.81
N SER A 107 -7.51 -17.00 15.09
CA SER A 107 -8.31 -17.72 14.12
C SER A 107 -9.37 -16.85 13.45
N SER A 108 -9.48 -15.58 13.82
CA SER A 108 -10.46 -14.70 13.20
C SER A 108 -10.18 -14.61 11.70
N ASP A 109 -11.20 -14.89 10.89
CA ASP A 109 -11.04 -14.68 9.47
C ASP A 109 -11.06 -13.20 9.19
N GLY A 110 -10.79 -12.84 7.93
CA GLY A 110 -10.74 -11.45 7.52
C GLY A 110 -12.05 -11.11 6.85
N ASP A 111 -12.54 -9.89 7.12
CA ASP A 111 -13.72 -9.33 6.48
C ASP A 111 -13.29 -8.07 5.74
N LEU A 112 -13.67 -7.97 4.47
CA LEU A 112 -13.31 -6.88 3.60
C LEU A 112 -14.58 -6.26 3.05
N CYS A 113 -14.56 -4.95 2.94
CA CYS A 113 -15.70 -4.21 2.43
C CYS A 113 -15.21 -3.37 1.27
N LEU A 114 -15.74 -3.65 0.08
CA LEU A 114 -15.32 -2.92 -1.14
C LEU A 114 -16.25 -1.73 -1.33
N VAL A 115 -15.68 -0.54 -1.37
CA VAL A 115 -16.48 0.70 -1.57
C VAL A 115 -16.28 1.17 -2.99
N VAL A 116 -17.38 1.21 -3.73
CA VAL A 116 -17.38 1.60 -5.16
C VAL A 116 -18.29 2.81 -5.25
N LYS A 117 -17.80 3.88 -5.86
CA LYS A 117 -18.60 5.13 -5.98
C LYS A 117 -19.61 5.00 -7.12
N GLN A 127 -29.05 -0.38 -6.49
CA GLN A 127 -28.67 -0.38 -5.08
C GLN A 127 -27.96 -1.69 -4.75
N LYS A 128 -28.68 -2.82 -4.92
CA LYS A 128 -28.08 -4.13 -4.88
C LYS A 128 -27.80 -4.70 -6.25
N THR A 129 -28.48 -4.22 -7.30
CA THR A 129 -28.11 -4.64 -8.64
C THR A 129 -26.63 -4.35 -8.91
N GLU A 130 -26.18 -3.14 -8.55
CA GLU A 130 -24.77 -2.79 -8.71
C GLU A 130 -23.90 -3.63 -7.78
N ALA A 131 -24.30 -3.77 -6.52
CA ALA A 131 -23.51 -4.54 -5.56
C ALA A 131 -23.27 -5.97 -6.02
N ARG A 132 -24.30 -6.61 -6.58
CA ARG A 132 -24.12 -7.97 -7.08
C ARG A 132 -23.29 -7.99 -8.36
N HIS A 133 -23.52 -7.04 -9.29
CA HIS A 133 -22.70 -7.03 -10.51
C HIS A 133 -21.22 -6.87 -10.17
N ILE A 134 -20.91 -5.99 -9.23
CA ILE A 134 -19.53 -5.80 -8.82
C ILE A 134 -18.99 -7.04 -8.10
N LEU A 135 -19.77 -7.65 -7.20
CA LEU A 135 -19.23 -8.82 -6.49
C LEU A 135 -18.95 -9.95 -7.46
N THR A 136 -19.82 -10.14 -8.46
CA THR A 136 -19.55 -11.21 -9.39
C THR A 136 -18.36 -10.87 -10.29
N LEU A 137 -18.20 -9.59 -10.68
CA LEU A 137 -17.00 -9.20 -11.44
C LEU A 137 -15.72 -9.41 -10.64
N VAL A 138 -15.71 -8.97 -9.39
CA VAL A 138 -14.55 -9.20 -8.53
C VAL A 138 -14.27 -10.69 -8.44
N HIS A 139 -15.34 -11.49 -8.36
CA HIS A 139 -15.15 -12.93 -8.18
C HIS A 139 -14.52 -13.55 -9.41
N LYS A 140 -15.04 -13.23 -10.59
CA LYS A 140 -14.44 -13.70 -11.84
C LYS A 140 -12.99 -13.24 -11.95
N HIS A 141 -12.68 -12.05 -11.43
CA HIS A 141 -11.30 -11.58 -11.40
C HIS A 141 -10.44 -12.50 -10.53
N PHE A 142 -10.94 -12.85 -9.34
CA PHE A 142 -10.19 -13.73 -8.46
C PHE A 142 -9.99 -15.11 -9.09
N CYS A 143 -10.98 -15.60 -9.81
CA CYS A 143 -10.88 -16.92 -10.43
C CYS A 143 -9.93 -16.92 -11.62
N THR A 144 -10.00 -15.90 -12.48
CA THR A 144 -9.21 -15.93 -13.72
C THR A 144 -7.79 -15.38 -13.52
N ARG A 145 -7.69 -14.14 -13.04
CA ARG A 145 -6.38 -13.49 -13.02
C ARG A 145 -5.63 -13.77 -11.72
N LEU A 146 -6.32 -13.89 -10.60
CA LEU A 146 -5.66 -13.92 -9.30
C LEU A 146 -5.45 -15.32 -8.76
N SER A 147 -5.72 -16.35 -9.57
CA SER A 147 -5.64 -17.73 -9.12
C SER A 147 -4.27 -18.14 -8.58
N GLY A 148 -3.22 -17.34 -8.81
CA GLY A 148 -1.90 -17.73 -8.33
C GLY A 148 -1.75 -17.69 -6.81
N TYR A 149 -2.51 -16.83 -6.13
CA TYR A 149 -2.36 -16.72 -4.69
C TYR A 149 -3.70 -16.56 -3.99
N ILE A 150 -4.81 -16.82 -4.68
CA ILE A 150 -6.15 -16.69 -4.11
C ILE A 150 -6.86 -18.01 -4.38
N GLU A 151 -7.05 -18.81 -3.32
CA GLU A 151 -7.58 -20.17 -3.44
C GLU A 151 -9.09 -20.18 -3.30
N ARG A 152 -9.73 -21.03 -4.12
CA ARG A 152 -11.12 -21.42 -3.99
C ARG A 152 -12.09 -20.24 -3.72
N PRO A 153 -12.15 -19.26 -4.62
CA PRO A 153 -13.10 -18.15 -4.40
C PRO A 153 -14.51 -18.61 -4.74
N GLN A 154 -15.44 -18.32 -3.84
CA GLN A 154 -16.81 -18.78 -4.01
C GLN A 154 -17.77 -17.68 -3.62
N LEU A 155 -18.84 -17.51 -4.39
CA LEU A 155 -19.91 -16.60 -3.99
C LEU A 155 -20.81 -17.33 -2.99
N ILE A 156 -20.81 -16.87 -1.76
CA ILE A 156 -21.74 -17.38 -0.76
C ILE A 156 -22.96 -16.48 -0.73
N ARG A 157 -24.13 -17.11 -0.76
CA ARG A 157 -25.41 -16.45 -0.92
C ARG A 157 -26.03 -16.25 0.45
N ALA A 158 -26.21 -14.98 0.82
CA ALA A 158 -26.80 -14.59 2.08
C ALA A 158 -27.35 -13.18 1.90
N LYS A 159 -27.96 -12.65 2.97
CA LYS A 159 -28.48 -11.29 2.94
C LYS A 159 -27.41 -10.32 2.43
N VAL A 160 -26.19 -10.46 2.92
CA VAL A 160 -25.05 -9.75 2.37
C VAL A 160 -24.29 -10.72 1.50
N PRO A 161 -24.41 -10.64 0.17
CA PRO A 161 -23.69 -11.59 -0.69
C PRO A 161 -22.19 -11.42 -0.44
N ILE A 162 -21.47 -12.54 -0.46
CA ILE A 162 -20.06 -12.52 -0.09
C ILE A 162 -19.26 -13.32 -1.11
N VAL A 163 -18.00 -12.93 -1.30
CA VAL A 163 -17.00 -13.76 -1.94
C VAL A 163 -16.11 -14.28 -0.82
N LYS A 164 -16.06 -15.59 -0.66
CA LYS A 164 -15.21 -16.23 0.32
C LYS A 164 -13.97 -16.75 -0.39
N PHE A 165 -12.81 -16.54 0.24
CA PHE A 165 -11.61 -17.00 -0.43
C PHE A 165 -10.54 -17.22 0.61
N ARG A 166 -9.50 -17.95 0.22
CA ARG A 166 -8.36 -18.22 1.09
C ARG A 166 -7.13 -17.61 0.43
N ASP A 167 -6.45 -16.73 1.16
CA ASP A 167 -5.18 -16.18 0.75
C ASP A 167 -4.09 -17.20 1.04
N LYS A 168 -3.44 -17.66 -0.03
CA LYS A 168 -2.33 -18.60 0.06
C LYS A 168 -1.08 -17.95 0.64
N VAL A 169 -1.03 -16.62 0.63
CA VAL A 169 0.14 -15.92 1.15
C VAL A 169 0.15 -15.95 2.68
N SER A 170 -0.95 -15.53 3.30
CA SER A 170 -1.11 -15.61 4.74
C SER A 170 -1.75 -16.92 5.22
N CYS A 171 -2.26 -17.75 4.31
CA CYS A 171 -3.07 -18.94 4.63
C CYS A 171 -4.36 -18.59 5.36
N VAL A 172 -4.95 -17.42 5.09
CA VAL A 172 -6.05 -16.89 5.90
C VAL A 172 -7.32 -16.83 5.07
N GLU A 173 -8.44 -17.18 5.69
CA GLU A 173 -9.75 -17.11 5.06
C GLU A 173 -10.32 -15.70 5.17
N PHE A 174 -10.92 -15.24 4.07
CA PHE A 174 -11.47 -13.90 3.94
C PHE A 174 -12.88 -13.96 3.40
N ALA A 175 -13.64 -12.93 3.74
CA ALA A 175 -14.99 -12.71 3.24
C ALA A 175 -15.07 -11.27 2.77
N LEU A 176 -15.34 -11.07 1.49
CA LEU A 176 -15.41 -9.75 0.88
C LEU A 176 -16.85 -9.47 0.48
N ASN A 177 -17.36 -8.31 0.86
CA ASN A 177 -18.66 -7.86 0.39
C ASN A 177 -18.50 -6.55 -0.34
N VAL A 178 -19.56 -6.10 -0.99
CA VAL A 178 -19.51 -4.86 -1.76
C VAL A 178 -20.48 -3.85 -1.16
N ASN A 179 -19.91 -2.73 -0.68
CA ASN A 179 -20.64 -1.52 -0.34
C ASN A 179 -21.48 -1.64 0.92
N ASN A 180 -21.25 -2.67 1.75
CA ASN A 180 -21.94 -2.72 3.03
C ASN A 180 -21.18 -1.83 4.03
N THR A 181 -21.36 -0.52 3.88
CA THR A 181 -20.57 0.45 4.61
C THR A 181 -20.86 0.46 6.10
N VAL A 182 -22.04 0.01 6.53
CA VAL A 182 -22.31 0.02 7.97
C VAL A 182 -21.28 -0.80 8.74
N GLY A 183 -20.75 -1.86 8.12
CA GLY A 183 -19.73 -2.66 8.77
C GLY A 183 -18.45 -1.88 9.03
N ILE A 184 -18.13 -0.89 8.18
CA ILE A 184 -17.02 0.01 8.52
C ILE A 184 -17.36 0.82 9.77
N ARG A 185 -18.55 1.41 9.82
CA ARG A 185 -18.91 2.24 10.98
C ARG A 185 -18.87 1.46 12.28
N ASN A 186 -19.57 0.32 12.32
CA ASN A 186 -19.61 -0.35 13.62
C ASN A 186 -18.28 -0.97 13.97
N THR A 187 -17.40 -1.23 12.97
CA THR A 187 -16.06 -1.71 13.30
C THR A 187 -15.41 -0.80 14.33
N PHE A 188 -15.54 0.51 14.12
CA PHE A 188 -14.85 1.45 14.99
C PHE A 188 -15.69 1.87 16.18
N LEU A 189 -17.02 1.66 16.12
CA LEU A 189 -17.80 1.72 17.34
C LEU A 189 -17.33 0.63 18.30
N LEU A 190 -17.36 -0.61 17.81
CA LEU A 190 -16.98 -1.77 18.61
C LEU A 190 -15.55 -1.69 19.08
N ARG A 191 -14.66 -1.23 18.19
CA ARG A 191 -13.26 -1.07 18.57
C ARG A 191 -13.13 -0.11 19.74
N THR A 192 -13.92 0.97 19.76
CA THR A 192 -13.83 1.95 20.83
C THR A 192 -14.32 1.35 22.15
N TYR A 193 -15.32 0.47 22.08
CA TYR A 193 -15.70 -0.30 23.26
C TYR A 193 -14.61 -1.28 23.64
N ALA A 194 -13.99 -1.92 22.63
CA ALA A 194 -13.03 -2.98 22.90
C ALA A 194 -11.86 -2.49 23.74
N TYR A 195 -11.51 -1.23 23.64
CA TYR A 195 -10.40 -0.69 24.41
C TYR A 195 -10.85 0.33 25.45
N LEU A 196 -12.17 0.46 25.67
CA LEU A 196 -12.68 1.40 26.67
C LEU A 196 -12.44 0.86 28.09
N GLU A 197 -12.34 -0.46 28.24
CA GLU A 197 -12.04 -1.08 29.51
C GLU A 197 -11.39 -2.44 29.31
N ASN A 198 -10.45 -2.78 30.19
CA ASN A 198 -9.55 -3.92 30.00
C ASN A 198 -10.24 -5.27 30.09
N ARG A 199 -11.46 -5.35 30.64
CA ARG A 199 -12.18 -6.61 30.75
C ARG A 199 -13.03 -6.94 29.55
N VAL A 200 -13.35 -5.94 28.71
CA VAL A 200 -14.29 -6.20 27.62
C VAL A 200 -13.71 -7.22 26.64
N ARG A 201 -12.41 -7.09 26.31
CA ARG A 201 -11.85 -7.99 25.30
C ARG A 201 -11.65 -9.42 25.81
N PRO A 202 -11.09 -9.66 27.03
CA PRO A 202 -11.02 -11.05 27.52
C PRO A 202 -12.38 -11.71 27.64
N LEU A 203 -13.39 -10.98 28.10
CA LEU A 203 -14.70 -11.56 28.27
C LEU A 203 -15.29 -11.91 26.92
N VAL A 204 -15.23 -10.98 25.97
CA VAL A 204 -15.78 -11.23 24.66
C VAL A 204 -15.11 -12.43 24.02
N LEU A 205 -13.79 -12.56 24.18
CA LEU A 205 -13.08 -13.64 23.51
C LEU A 205 -13.47 -15.00 24.09
N VAL A 206 -13.45 -15.13 25.43
CA VAL A 206 -13.82 -16.41 26.02
C VAL A 206 -15.25 -16.77 25.66
N ILE A 207 -16.11 -15.75 25.55
CA ILE A 207 -17.50 -15.98 25.22
C ILE A 207 -17.67 -16.40 23.75
N LYS A 208 -16.90 -15.80 22.83
CA LYS A 208 -16.89 -16.27 21.44
C LYS A 208 -16.43 -17.72 21.35
N LYS A 209 -15.32 -18.05 22.00
CA LYS A 209 -14.85 -19.45 21.98
C LYS A 209 -15.90 -20.37 22.58
N TRP A 210 -16.54 -19.92 23.66
CA TRP A 210 -17.56 -20.73 24.31
C TRP A 210 -18.72 -21.01 23.37
N ALA A 211 -19.30 -19.95 22.78
CA ALA A 211 -20.41 -20.13 21.85
C ALA A 211 -20.01 -20.99 20.66
N SER A 212 -18.81 -20.78 20.12
CA SER A 212 -18.36 -21.60 18.99
C SER A 212 -18.19 -23.05 19.39
N HIS A 213 -17.70 -23.30 20.60
CA HIS A 213 -17.48 -24.68 21.00
C HIS A 213 -18.80 -25.42 21.08
N HIS A 214 -19.86 -24.72 21.49
CA HIS A 214 -21.16 -25.36 21.67
C HIS A 214 -22.03 -25.29 20.42
N GLU A 215 -21.44 -24.98 19.27
CA GLU A 215 -22.14 -25.05 17.98
C GLU A 215 -23.36 -24.13 17.96
N ILE A 216 -23.27 -22.99 18.64
CA ILE A 216 -24.30 -21.96 18.60
C ILE A 216 -23.80 -20.64 18.06
N ASN A 217 -22.62 -20.63 17.46
CA ASN A 217 -22.04 -19.37 16.98
C ASN A 217 -21.88 -19.46 15.47
N ASP A 218 -22.98 -19.70 14.74
CA ASP A 218 -22.88 -19.71 13.28
C ASP A 218 -24.24 -19.35 12.69
N ALA A 219 -24.41 -18.05 12.38
CA ALA A 219 -25.67 -17.59 11.78
C ALA A 219 -25.99 -18.33 10.48
N SER A 220 -24.97 -18.78 9.73
CA SER A 220 -25.27 -19.54 8.52
C SER A 220 -25.92 -20.87 8.87
N ARG A 221 -25.68 -21.39 10.07
CA ARG A 221 -26.24 -22.65 10.51
C ARG A 221 -27.44 -22.47 11.45
N GLY A 222 -27.99 -21.26 11.55
CA GLY A 222 -29.21 -21.00 12.30
C GLY A 222 -29.06 -20.39 13.69
N THR A 223 -27.83 -20.20 14.20
CA THR A 223 -27.58 -19.75 15.56
C THR A 223 -27.06 -18.30 15.61
N LEU A 224 -26.31 -17.95 16.68
CA LEU A 224 -25.99 -16.55 16.96
C LEU A 224 -24.78 -16.06 16.19
N SER A 225 -24.92 -14.94 15.51
CA SER A 225 -23.77 -14.36 14.84
C SER A 225 -22.79 -13.80 15.86
N SER A 226 -21.52 -13.73 15.46
CA SER A 226 -20.50 -13.16 16.34
C SER A 226 -20.88 -11.75 16.74
N TYR A 227 -21.43 -10.98 15.78
CA TYR A 227 -21.85 -9.61 16.05
C TYR A 227 -22.99 -9.58 17.07
N SER A 228 -23.94 -10.51 16.96
CA SER A 228 -25.00 -10.58 17.96
C SER A 228 -24.43 -10.81 19.34
N LEU A 229 -23.50 -11.76 19.46
CA LEU A 229 -22.89 -12.05 20.75
C LEU A 229 -22.16 -10.84 21.30
N VAL A 230 -21.31 -10.22 20.48
CA VAL A 230 -20.57 -9.03 20.91
C VAL A 230 -21.52 -7.98 21.41
N LEU A 231 -22.62 -7.78 20.72
CA LEU A 231 -23.60 -6.80 21.17
C LEU A 231 -24.25 -7.26 22.46
N MET A 232 -24.35 -8.57 22.68
CA MET A 232 -24.99 -9.07 23.89
C MET A 232 -24.07 -8.94 25.10
N VAL A 233 -22.78 -9.27 24.91
CA VAL A 233 -21.77 -9.00 25.94
C VAL A 233 -21.76 -7.52 26.27
N LEU A 234 -21.66 -6.64 25.26
CA LEU A 234 -21.64 -5.20 25.53
C LEU A 234 -22.92 -4.74 26.22
N HIS A 235 -24.08 -5.28 25.85
CA HIS A 235 -25.31 -4.98 26.57
C HIS A 235 -25.24 -5.43 28.02
N TYR A 236 -24.76 -6.66 28.28
CA TYR A 236 -24.63 -7.14 29.65
C TYR A 236 -23.75 -6.19 30.46
N LEU A 237 -22.62 -5.77 29.88
CA LEU A 237 -21.75 -4.81 30.56
C LEU A 237 -22.40 -3.45 30.71
N GLN A 238 -23.37 -3.11 29.84
CA GLN A 238 -23.96 -1.78 29.86
C GLN A 238 -25.06 -1.61 30.91
N THR A 239 -25.68 -2.72 31.31
CA THR A 239 -26.85 -2.69 32.17
C THR A 239 -26.60 -3.21 33.59
N LEU A 240 -25.34 -3.47 33.94
CA LEU A 240 -25.03 -3.88 35.31
C LEU A 240 -25.43 -2.77 36.27
N PRO A 241 -25.78 -3.14 37.52
CA PRO A 241 -26.12 -2.13 38.54
C PRO A 241 -25.15 -0.97 38.64
N GLU A 242 -23.84 -1.26 38.67
CA GLU A 242 -22.80 -0.24 38.54
C GLU A 242 -22.10 -0.51 37.23
N PRO A 243 -22.49 0.16 36.14
CA PRO A 243 -22.20 -0.36 34.80
C PRO A 243 -20.73 -0.28 34.45
N ILE A 244 -20.29 -1.26 33.65
CA ILE A 244 -18.93 -1.33 33.13
C ILE A 244 -18.74 -0.60 31.79
N LEU A 245 -19.81 -0.38 31.04
CA LEU A 245 -19.69 0.36 29.77
C LEU A 245 -20.85 1.35 29.66
N PRO A 246 -20.59 2.57 29.19
CA PRO A 246 -21.68 3.51 28.98
C PRO A 246 -22.25 3.30 27.60
N SER A 247 -22.96 4.30 27.07
CA SER A 247 -23.32 4.31 25.66
C SER A 247 -22.38 5.28 24.93
N LEU A 248 -21.58 4.75 23.99
CA LEU A 248 -20.67 5.62 23.26
C LEU A 248 -21.43 6.58 22.34
N GLN A 249 -22.52 6.12 21.72
CA GLN A 249 -23.23 6.93 20.74
C GLN A 249 -24.06 8.03 21.39
N LYS A 250 -24.52 7.81 22.61
CA LYS A 250 -25.20 8.87 23.35
C LYS A 250 -24.23 9.92 23.88
N ILE A 251 -23.06 9.50 24.40
CA ILE A 251 -22.15 10.45 25.04
C ILE A 251 -21.30 11.19 24.01
N TYR A 252 -20.88 10.51 22.93
CA TYR A 252 -20.05 11.12 21.88
C TYR A 252 -20.64 10.84 20.50
N PRO A 253 -21.82 11.38 20.16
CA PRO A 253 -22.38 11.10 18.82
C PRO A 253 -21.55 11.69 17.70
N GLU A 254 -20.77 12.73 18.00
CA GLU A 254 -19.86 13.38 17.05
C GLU A 254 -18.82 12.43 16.49
N SER A 255 -18.40 11.43 17.28
CA SER A 255 -17.34 10.52 16.88
C SER A 255 -17.89 9.31 16.15
N PHE A 256 -19.21 9.07 16.21
CA PHE A 256 -19.83 7.93 15.53
C PHE A 256 -21.02 8.33 14.67
N SER A 257 -21.22 9.62 14.39
CA SER A 257 -22.35 10.07 13.57
C SER A 257 -22.25 9.52 12.14
N THR A 258 -23.42 9.32 11.51
CA THR A 258 -23.51 8.81 10.15
C THR A 258 -22.99 9.77 9.08
N SER A 259 -22.67 11.01 9.44
CA SER A 259 -22.06 11.94 8.51
C SER A 259 -20.54 11.84 8.44
N VAL A 260 -19.91 11.13 9.38
CA VAL A 260 -18.45 10.98 9.36
C VAL A 260 -18.01 10.25 8.09
N GLN A 261 -17.04 10.83 7.41
CA GLN A 261 -16.54 10.23 6.19
C GLN A 261 -15.92 8.88 6.50
N LEU A 262 -16.23 7.89 5.67
CA LEU A 262 -15.86 6.51 6.00
C LEU A 262 -14.36 6.40 6.25
N HIS A 263 -13.55 7.05 5.41
CA HIS A 263 -12.10 6.86 5.51
C HIS A 263 -11.53 7.55 6.75
N LEU A 264 -12.33 8.33 7.47
CA LEU A 264 -11.91 8.91 8.74
C LEU A 264 -12.62 8.31 9.96
N VAL A 265 -13.53 7.33 9.78
CA VAL A 265 -14.29 6.82 10.93
C VAL A 265 -13.35 6.27 12.00
N HIS A 266 -12.21 5.73 11.58
CA HIS A 266 -11.24 5.13 12.50
C HIS A 266 -10.58 6.14 13.45
N HIS A 267 -10.79 7.45 13.23
CA HIS A 267 -10.32 8.43 14.20
C HIS A 267 -11.10 8.36 15.50
N ALA A 268 -12.31 7.79 15.49
CA ALA A 268 -13.15 7.83 16.70
C ALA A 268 -12.48 7.22 17.92
N PRO A 269 -11.86 6.03 17.85
CA PRO A 269 -11.19 5.49 19.05
C PRO A 269 -10.02 6.33 19.54
N CYS A 270 -9.41 7.16 18.69
CA CYS A 270 -8.36 8.06 19.17
C CYS A 270 -8.93 9.22 19.97
N ASN A 271 -10.21 9.56 19.77
CA ASN A 271 -10.83 10.70 20.42
C ASN A 271 -11.43 10.32 21.78
N VAL A 272 -12.06 9.16 21.89
CA VAL A 272 -12.89 8.83 23.05
C VAL A 272 -11.99 8.40 24.21
N PRO A 273 -12.16 8.97 25.40
CA PRO A 273 -11.31 8.61 26.56
C PRO A 273 -11.76 7.31 27.21
N PRO A 274 -10.93 6.70 28.05
CA PRO A 274 -11.30 5.43 28.69
C PRO A 274 -12.38 5.62 29.75
N TYR A 275 -13.05 4.50 30.05
CA TYR A 275 -14.16 4.48 30.98
C TYR A 275 -13.70 3.88 32.31
N LEU A 276 -13.88 4.64 33.38
CA LEU A 276 -13.65 4.15 34.73
C LEU A 276 -15.02 3.88 35.35
N SER A 277 -15.28 2.64 35.73
CA SER A 277 -16.56 2.22 36.27
C SER A 277 -16.40 1.81 37.72
N LYS A 278 -17.50 1.88 38.49
CA LYS A 278 -17.43 1.50 39.89
C LYS A 278 -17.43 -0.01 40.12
N ASN A 279 -17.85 -0.81 39.13
CA ASN A 279 -17.99 -2.25 39.32
C ASN A 279 -16.64 -2.93 39.48
N GLU A 280 -16.46 -3.68 40.58
CA GLU A 280 -15.23 -4.43 40.80
C GLU A 280 -15.36 -5.93 40.49
N SER A 281 -16.39 -6.36 39.76
CA SER A 281 -16.50 -7.78 39.43
C SER A 281 -15.30 -8.23 38.59
N SER A 282 -14.67 -9.33 39.00
CA SER A 282 -13.56 -9.90 38.24
C SER A 282 -14.08 -10.62 37.00
N LEU A 283 -13.14 -11.12 36.17
CA LEU A 283 -13.51 -11.76 34.91
C LEU A 283 -14.36 -13.00 35.10
N GLY A 284 -14.06 -13.80 36.13
CA GLY A 284 -14.85 -15.01 36.38
C GLY A 284 -16.23 -14.70 36.94
N ASP A 285 -16.32 -13.70 37.83
CA ASP A 285 -17.62 -13.18 38.28
C ASP A 285 -18.45 -12.70 37.10
N LEU A 286 -17.83 -11.98 36.16
CA LEU A 286 -18.57 -11.44 35.03
C LEU A 286 -18.97 -12.51 34.03
N LEU A 287 -18.12 -13.50 33.77
CA LEU A 287 -18.52 -14.57 32.86
C LEU A 287 -19.68 -15.37 33.45
N LEU A 288 -19.62 -15.68 34.77
CA LEU A 288 -20.76 -16.32 35.41
C LEU A 288 -22.01 -15.46 35.27
N GLY A 289 -21.90 -14.16 35.57
CA GLY A 289 -23.06 -13.28 35.48
C GLY A 289 -23.61 -13.19 34.07
N PHE A 290 -22.75 -13.19 33.07
CA PHE A 290 -23.23 -13.09 31.70
C PHE A 290 -24.00 -14.35 31.32
N LEU A 291 -23.51 -15.53 31.71
CA LEU A 291 -24.27 -16.74 31.44
C LEU A 291 -25.60 -16.74 32.20
N LYS A 292 -25.59 -16.34 33.47
CA LYS A 292 -26.83 -16.31 34.25
C LYS A 292 -27.85 -15.32 33.66
N TYR A 293 -27.38 -14.15 33.23
CA TYR A 293 -28.29 -13.09 32.82
C TYR A 293 -29.17 -13.53 31.67
N TYR A 294 -28.55 -14.11 30.64
CA TYR A 294 -29.29 -14.56 29.49
C TYR A 294 -29.95 -15.91 29.72
N ALA A 295 -29.43 -16.74 30.64
CA ALA A 295 -30.09 -18.00 30.97
C ALA A 295 -31.37 -17.82 31.77
N THR A 296 -31.46 -16.76 32.56
CA THR A 296 -32.56 -16.68 33.51
C THR A 296 -33.36 -15.40 33.47
N GLU A 297 -32.73 -14.25 33.23
CA GLU A 297 -33.40 -12.97 33.44
C GLU A 297 -33.92 -12.28 32.18
N PHE A 298 -33.30 -12.50 31.03
CA PHE A 298 -33.60 -11.70 29.84
C PHE A 298 -34.71 -12.32 29.03
N ASP A 299 -35.79 -11.55 28.85
CA ASP A 299 -37.01 -12.03 28.18
C ASP A 299 -36.89 -11.83 26.67
N TRP A 300 -36.43 -12.89 25.99
CA TRP A 300 -36.33 -12.89 24.53
C TRP A 300 -37.62 -12.44 23.88
N ASN A 301 -38.76 -12.83 24.47
CA ASN A 301 -40.06 -12.71 23.80
C ASN A 301 -40.64 -11.30 23.86
N THR A 302 -40.14 -10.44 24.74
CA THR A 302 -40.70 -9.11 24.84
C THR A 302 -39.70 -7.99 24.55
N GLN A 303 -38.39 -8.24 24.64
CA GLN A 303 -37.44 -7.15 24.57
C GLN A 303 -36.37 -7.35 23.51
N MET A 304 -35.77 -6.23 23.13
CA MET A 304 -34.68 -6.14 22.18
C MET A 304 -33.53 -5.39 22.82
N ILE A 305 -32.34 -5.82 22.47
CA ILE A 305 -31.10 -5.32 23.05
C ILE A 305 -30.58 -4.16 22.21
N SER A 306 -30.45 -2.99 22.84
CA SER A 306 -30.01 -1.78 22.14
C SER A 306 -28.72 -1.29 22.80
N VAL A 307 -27.58 -1.64 22.18
CA VAL A 307 -26.30 -1.07 22.59
C VAL A 307 -26.30 0.44 22.31
N ARG A 308 -27.01 0.89 21.27
CA ARG A 308 -27.06 2.33 21.01
C ARG A 308 -27.69 3.06 22.19
N GLU A 309 -28.68 2.46 22.82
CA GLU A 309 -29.33 3.11 23.95
C GLU A 309 -28.73 2.70 25.29
N ALA A 310 -27.83 1.70 25.28
CA ALA A 310 -27.30 1.07 26.49
C ALA A 310 -28.44 0.56 27.37
N LYS A 311 -29.48 0.03 26.72
CA LYS A 311 -30.70 -0.35 27.42
C LYS A 311 -31.30 -1.59 26.76
N ALA A 312 -32.15 -2.24 27.53
CA ALA A 312 -33.13 -3.17 26.99
C ALA A 312 -34.40 -2.39 26.71
N ILE A 313 -34.95 -2.55 25.50
CA ILE A 313 -36.11 -1.79 25.07
C ILE A 313 -37.21 -2.81 24.78
N PRO A 314 -38.49 -2.45 24.88
CA PRO A 314 -39.54 -3.40 24.48
C PRO A 314 -39.53 -3.61 22.97
N ARG A 315 -39.90 -4.82 22.56
CA ARG A 315 -39.93 -5.13 21.13
C ARG A 315 -40.88 -4.19 20.38
N PRO A 316 -40.45 -3.57 19.30
CA PRO A 316 -41.32 -2.73 18.49
C PRO A 316 -42.39 -3.53 17.78
N ASP A 317 -43.53 -2.87 17.53
CA ASP A 317 -44.61 -3.52 16.80
C ASP A 317 -44.38 -3.48 15.29
N ASP A 318 -43.15 -3.21 14.87
CA ASP A 318 -42.82 -3.16 13.42
C ASP A 318 -42.82 -4.58 12.85
N MET A 319 -42.93 -4.74 11.54
CA MET A 319 -42.99 -6.13 11.01
C MET A 319 -41.65 -6.86 11.09
N GLU A 320 -40.53 -6.14 11.21
CA GLU A 320 -39.24 -6.84 11.33
C GLU A 320 -39.23 -7.70 12.60
N TRP A 321 -39.76 -7.21 13.71
CA TRP A 321 -39.65 -7.99 14.98
C TRP A 321 -40.89 -8.81 15.30
N ARG A 322 -41.85 -8.92 14.40
CA ARG A 322 -43.11 -9.61 14.80
C ARG A 322 -42.91 -11.07 15.24
N ASN A 323 -42.14 -11.88 14.55
CA ASN A 323 -42.16 -13.30 14.96
C ASN A 323 -40.79 -13.84 15.35
N LYS A 324 -39.83 -12.95 15.44
CA LYS A 324 -38.44 -13.32 15.79
C LYS A 324 -38.31 -13.81 17.23
N TYR A 325 -37.42 -14.77 17.42
CA TYR A 325 -37.09 -15.28 18.76
C TYR A 325 -36.10 -14.34 19.46
N ILE A 326 -35.10 -13.83 18.75
CA ILE A 326 -34.07 -13.02 19.37
C ILE A 326 -34.02 -11.69 18.60
N CYS A 327 -34.00 -10.58 19.34
CA CYS A 327 -34.04 -9.23 18.78
C CYS A 327 -32.86 -8.42 19.32
N VAL A 328 -31.82 -8.21 18.51
CA VAL A 328 -30.69 -7.35 18.84
C VAL A 328 -30.65 -6.19 17.83
N GLU A 329 -30.76 -4.95 18.31
CA GLU A 329 -30.82 -3.78 17.43
C GLU A 329 -29.42 -3.43 16.91
N GLU A 330 -29.25 -3.43 15.59
CA GLU A 330 -28.01 -2.87 15.04
C GLU A 330 -27.92 -1.42 15.51
N PRO A 331 -26.76 -0.95 15.98
CA PRO A 331 -26.69 0.42 16.53
C PRO A 331 -26.74 1.54 15.50
N PHE A 332 -26.36 1.30 14.24
CA PHE A 332 -26.39 2.37 13.25
C PHE A 332 -27.64 2.32 12.39
N ASP A 333 -28.06 1.17 11.87
CA ASP A 333 -29.37 1.02 11.25
C ASP A 333 -30.30 0.19 12.15
N GLY A 334 -31.58 0.19 11.79
CA GLY A 334 -32.55 -0.49 12.64
C GLY A 334 -32.94 -1.87 12.15
N THR A 335 -32.18 -2.90 12.51
CA THR A 335 -32.42 -4.25 12.01
C THR A 335 -31.95 -5.27 13.04
N ASN A 336 -32.50 -6.48 12.93
CA ASN A 336 -32.25 -7.57 13.86
C ASN A 336 -31.00 -8.34 13.44
N THR A 337 -29.93 -8.26 14.26
CA THR A 337 -28.69 -8.97 13.93
C THR A 337 -28.83 -10.47 14.12
N ALA A 338 -29.68 -10.91 15.05
CA ALA A 338 -29.90 -12.33 15.30
C ALA A 338 -31.04 -12.87 14.45
N ARG A 339 -31.38 -12.15 13.39
CA ARG A 339 -32.42 -12.56 12.46
C ARG A 339 -32.22 -13.99 11.96
N ALA A 340 -30.99 -14.49 11.99
CA ALA A 340 -30.69 -15.86 11.55
C ALA A 340 -31.28 -16.92 12.46
N VAL A 341 -31.64 -16.58 13.69
CA VAL A 341 -32.22 -17.56 14.61
C VAL A 341 -33.72 -17.59 14.36
N HIS A 342 -34.17 -18.51 13.50
CA HIS A 342 -35.58 -18.58 13.14
C HIS A 342 -36.23 -19.95 13.34
N GLU A 343 -35.48 -20.97 13.76
CA GLU A 343 -36.02 -22.30 14.02
C GLU A 343 -36.13 -22.51 15.53
N LYS A 344 -37.30 -23.01 15.99
CA LYS A 344 -37.51 -23.24 17.43
C LYS A 344 -36.39 -24.09 18.02
N GLN A 345 -36.13 -25.25 17.40
CA GLN A 345 -35.06 -26.13 17.85
C GLN A 345 -33.75 -25.38 18.10
N LYS A 346 -33.35 -24.50 17.16
CA LYS A 346 -32.10 -23.76 17.34
C LYS A 346 -32.21 -22.75 18.49
N PHE A 347 -33.32 -22.02 18.57
CA PHE A 347 -33.58 -21.09 19.68
C PHE A 347 -33.45 -21.81 21.02
N ASP A 348 -34.06 -22.99 21.11
CA ASP A 348 -33.94 -23.79 22.33
C ASP A 348 -32.50 -24.21 22.55
N MET A 349 -31.78 -24.57 21.50
CA MET A 349 -30.38 -24.92 21.68
C MET A 349 -29.63 -23.81 22.38
N ILE A 350 -29.86 -22.56 21.96
CA ILE A 350 -29.24 -21.42 22.63
C ILE A 350 -29.68 -21.35 24.10
N LYS A 351 -31.00 -21.40 24.34
CA LYS A 351 -31.52 -21.25 25.70
C LYS A 351 -30.96 -22.33 26.63
N ASP A 352 -31.02 -23.58 26.18
CA ASP A 352 -30.56 -24.71 26.97
C ASP A 352 -29.08 -24.61 27.24
N GLN A 353 -28.29 -24.14 26.24
CA GLN A 353 -26.85 -24.06 26.45
C GLN A 353 -26.50 -22.96 27.45
N PHE A 354 -27.21 -21.83 27.42
CA PHE A 354 -26.94 -20.81 28.42
C PHE A 354 -27.22 -21.35 29.82
N LEU A 355 -28.39 -21.98 29.99
CA LEU A 355 -28.75 -22.50 31.30
C LEU A 355 -27.71 -23.50 31.80
N LYS A 356 -27.41 -24.52 30.98
CA LYS A 356 -26.48 -25.57 31.33
C LYS A 356 -25.09 -25.03 31.65
N SER A 357 -24.56 -24.13 30.80
CA SER A 357 -23.22 -23.63 31.06
C SER A 357 -23.19 -22.79 32.33
N TRP A 358 -24.21 -21.98 32.57
CA TRP A 358 -24.26 -21.27 33.85
C TRP A 358 -24.29 -22.27 35.02
N GLN A 359 -24.93 -23.43 34.84
CA GLN A 359 -25.00 -24.40 35.94
C GLN A 359 -23.64 -25.06 36.22
N ARG A 360 -23.00 -25.61 35.17
CA ARG A 360 -21.70 -26.26 35.35
C ARG A 360 -20.67 -25.27 35.88
N LEU A 361 -20.70 -24.03 35.39
CA LEU A 361 -19.73 -23.04 35.85
C LEU A 361 -20.01 -22.63 37.30
N LYS A 362 -21.29 -22.45 37.67
CA LYS A 362 -21.61 -22.10 39.04
C LYS A 362 -21.03 -23.13 39.98
N ASN A 363 -21.20 -24.41 39.65
CA ASN A 363 -20.79 -25.48 40.56
C ASN A 363 -19.27 -25.64 40.60
N LYS A 364 -18.63 -25.79 39.43
CA LYS A 364 -17.18 -25.89 39.31
C LYS A 364 -16.64 -24.67 38.56
N ARG A 365 -16.11 -23.69 39.31
CA ARG A 365 -15.58 -22.45 38.74
C ARG A 365 -14.24 -22.65 38.04
N ASP A 366 -14.22 -23.59 37.10
CA ASP A 366 -13.11 -23.85 36.19
C ASP A 366 -13.62 -23.64 34.77
N LEU A 367 -12.83 -22.93 33.95
CA LEU A 367 -13.22 -22.69 32.56
C LEU A 367 -13.38 -23.99 31.78
N ASN A 368 -12.74 -25.07 32.25
CA ASN A 368 -12.88 -26.39 31.64
C ASN A 368 -14.31 -26.95 31.75
N SER A 369 -15.13 -26.43 32.67
CA SER A 369 -16.50 -26.94 32.81
C SER A 369 -17.39 -26.55 31.62
N VAL A 370 -17.08 -25.44 30.96
CA VAL A 370 -17.91 -24.95 29.86
C VAL A 370 -17.14 -24.89 28.54
N LEU A 371 -15.82 -24.98 28.56
CA LEU A 371 -14.94 -24.88 27.40
C LEU A 371 -13.67 -25.67 27.69
N PRO A 372 -13.44 -26.79 27.01
CA PRO A 372 -12.15 -27.48 27.16
C PRO A 372 -11.01 -26.58 26.74
N LEU A 373 -10.13 -26.26 27.70
CA LEU A 373 -9.01 -25.35 27.41
C LEU A 373 -7.97 -25.96 26.48
N ARG A 374 -7.99 -27.30 26.30
CA ARG A 374 -7.08 -27.95 25.37
C ARG A 374 -7.53 -27.85 23.92
N ALA A 375 -8.82 -27.58 23.68
CA ALA A 375 -9.37 -27.50 22.34
C ALA A 375 -9.20 -26.11 21.71
N ALA A 376 -8.84 -25.09 22.49
CA ALA A 376 -8.58 -23.77 21.93
C ALA A 376 -7.08 -23.57 21.71
N THR A 377 -6.32 -23.53 22.80
CA THR A 377 -4.86 -23.40 22.74
C THR A 377 -4.25 -24.61 22.01
N ILE B 43 6.49 23.46 -17.72
CA ILE B 43 5.06 23.67 -17.51
C ILE B 43 4.31 23.88 -18.85
N THR B 44 4.70 24.89 -19.61
CA THR B 44 4.01 25.11 -20.91
C THR B 44 4.90 24.57 -22.02
N LEU B 45 4.34 23.70 -22.86
CA LEU B 45 5.09 23.10 -23.99
C LEU B 45 5.58 24.22 -24.89
N PRO B 46 6.81 24.17 -25.42
CA PRO B 46 7.33 25.24 -26.24
C PRO B 46 6.70 25.35 -27.64
N GLU B 47 6.98 26.47 -28.30
CA GLU B 47 6.45 26.78 -29.66
C GLU B 47 7.15 25.92 -30.71
N ALA B 48 6.41 25.45 -31.70
CA ALA B 48 7.00 24.67 -32.80
C ALA B 48 7.53 25.65 -33.84
N LYS B 49 8.69 26.23 -33.61
CA LYS B 49 9.31 27.22 -34.53
C LYS B 49 9.74 26.60 -35.87
N ASP B 50 9.93 25.29 -35.97
CA ASP B 50 10.31 24.69 -37.27
C ASP B 50 9.65 23.34 -37.44
N LYS B 51 9.82 22.71 -38.59
CA LYS B 51 9.24 21.37 -38.83
C LYS B 51 9.91 20.35 -37.92
N LEU B 52 11.22 20.46 -37.73
CA LEU B 52 11.94 19.49 -36.88
C LEU B 52 11.43 19.61 -35.46
N SER B 53 11.23 20.84 -35.01
CA SER B 53 10.72 21.02 -33.63
C SER B 53 9.34 20.39 -33.52
N GLN B 54 8.49 20.56 -34.52
CA GLN B 54 7.14 19.98 -34.43
C GLN B 54 7.26 18.46 -34.33
N GLN B 55 8.12 17.84 -35.12
CA GLN B 55 8.25 16.36 -35.08
C GLN B 55 8.72 15.91 -33.70
N ILE B 56 9.65 16.65 -33.12
CA ILE B 56 10.20 16.33 -31.78
C ILE B 56 9.06 16.39 -30.78
N LEU B 57 8.25 17.44 -30.83
CA LEU B 57 7.11 17.59 -29.89
C LEU B 57 6.09 16.49 -30.13
N GLU B 58 5.86 16.13 -31.37
CA GLU B 58 4.85 15.12 -31.67
C GLU B 58 5.30 13.81 -31.02
N LEU B 59 6.57 13.47 -31.20
CA LEU B 59 7.07 12.23 -30.58
C LEU B 59 7.00 12.32 -29.06
N PHE B 60 7.31 13.49 -28.50
CA PHE B 60 7.28 13.66 -27.04
C PHE B 60 5.90 13.38 -26.50
N GLU B 61 4.86 13.90 -27.15
CA GLU B 61 3.49 13.74 -26.59
C GLU B 61 3.02 12.28 -26.62
N THR B 62 3.53 11.49 -27.55
CA THR B 62 3.12 10.09 -27.62
C THR B 62 4.04 9.17 -26.82
N CYS B 63 5.26 9.62 -26.48
CA CYS B 63 6.15 8.75 -25.71
C CYS B 63 6.38 9.19 -24.26
N GLN B 64 6.10 10.45 -23.92
CA GLN B 64 6.25 10.92 -22.55
C GLN B 64 5.47 10.02 -21.58
N GLN B 65 6.08 9.77 -20.41
CA GLN B 65 5.44 8.94 -19.40
C GLN B 65 4.18 9.63 -18.90
N GLN B 66 3.05 8.91 -18.98
CA GLN B 66 1.76 9.42 -18.57
C GLN B 66 1.55 9.20 -17.07
N ALA B 67 0.64 10.00 -16.50
CA ALA B 67 0.32 9.92 -15.07
C ALA B 67 -0.10 8.52 -14.65
N SER B 68 -0.81 7.78 -15.51
CA SER B 68 -1.26 6.44 -15.14
C SER B 68 -0.10 5.45 -15.05
N ASP B 69 0.91 5.59 -15.93
CA ASP B 69 2.12 4.78 -15.83
C ASP B 69 2.76 4.97 -14.45
N LEU B 70 2.89 6.22 -14.04
CA LEU B 70 3.55 6.52 -12.77
C LEU B 70 2.70 6.10 -11.59
N LYS B 71 1.36 6.11 -11.70
CA LYS B 71 0.54 5.60 -10.60
C LYS B 71 0.66 4.09 -10.45
N LYS B 72 0.74 3.33 -11.56
CA LYS B 72 0.90 1.88 -11.39
C LYS B 72 2.25 1.56 -10.73
N LYS B 73 3.29 2.31 -11.11
CA LYS B 73 4.61 2.14 -10.48
C LYS B 73 4.58 2.53 -9.00
N GLU B 74 3.88 3.61 -8.66
CA GLU B 74 3.85 4.05 -7.28
C GLU B 74 3.04 3.12 -6.38
N LEU B 75 1.94 2.58 -6.87
CA LEU B 75 1.16 1.67 -6.00
C LEU B 75 2.01 0.42 -5.73
N CYS B 76 2.73 -0.04 -6.73
CA CYS B 76 3.61 -1.20 -6.54
C CYS B 76 4.70 -0.86 -5.53
N ARG B 77 5.25 0.34 -5.57
CA ARG B 77 6.30 0.76 -4.62
C ARG B 77 5.72 0.78 -3.22
N ALA B 78 4.53 1.32 -3.06
CA ALA B 78 3.91 1.34 -1.72
C ALA B 78 3.66 -0.09 -1.23
N GLN B 79 3.20 -0.95 -2.12
CA GLN B 79 2.91 -2.34 -1.71
C GLN B 79 4.21 -3.03 -1.31
N LEU B 80 5.26 -2.79 -2.08
CA LEU B 80 6.53 -3.46 -1.79
C LEU B 80 7.09 -2.94 -0.48
N GLN B 81 6.92 -1.66 -0.20
CA GLN B 81 7.44 -1.11 1.08
C GLN B 81 6.76 -1.85 2.23
N ARG B 82 5.45 -2.02 2.17
CA ARG B 82 4.81 -2.75 3.28
C ARG B 82 5.32 -4.18 3.36
N GLU B 83 5.41 -4.83 2.21
CA GLU B 83 5.83 -6.24 2.24
C GLU B 83 7.25 -6.37 2.79
N ILE B 84 8.15 -5.49 2.41
CA ILE B 84 9.58 -5.56 2.85
C ILE B 84 9.68 -5.23 4.34
N GLN B 85 8.78 -4.36 4.80
CA GLN B 85 8.63 -3.93 6.21
C GLN B 85 8.31 -5.14 7.06
N LEU B 86 7.53 -6.10 6.55
CA LEU B 86 7.42 -7.36 7.33
C LEU B 86 8.80 -7.88 7.74
N LEU B 87 9.85 -7.75 6.92
CA LEU B 87 11.17 -8.21 7.30
C LEU B 87 11.95 -7.16 8.06
N PHE B 88 11.99 -5.92 7.54
CA PHE B 88 12.76 -4.81 8.10
C PHE B 88 11.82 -3.63 8.35
N PRO B 89 11.20 -3.57 9.53
CA PRO B 89 10.19 -2.53 9.77
C PRO B 89 10.70 -1.09 9.77
N GLN B 90 12.00 -0.83 9.92
CA GLN B 90 12.50 0.54 9.87
C GLN B 90 13.04 0.93 8.49
N SER B 91 12.49 0.36 7.41
CA SER B 91 12.98 0.53 6.06
C SER B 91 11.99 1.32 5.21
N ARG B 92 12.52 2.05 4.23
CA ARG B 92 11.71 2.76 3.24
C ARG B 92 12.13 2.35 1.83
N LEU B 93 11.19 2.42 0.90
CA LEU B 93 11.40 2.02 -0.49
C LEU B 93 11.13 3.24 -1.36
N PHE B 94 12.12 3.63 -2.17
CA PHE B 94 12.05 4.84 -2.98
C PHE B 94 11.97 4.43 -4.43
N LEU B 95 11.02 5.00 -5.16
CA LEU B 95 11.05 4.91 -6.61
C LEU B 95 12.09 5.90 -7.12
N VAL B 96 12.97 5.45 -8.03
CA VAL B 96 14.07 6.29 -8.49
C VAL B 96 14.25 6.12 -9.99
N GLY B 97 15.04 7.03 -10.55
CA GLY B 97 15.40 6.97 -11.96
C GLY B 97 14.39 7.60 -12.89
N SER B 98 14.28 7.03 -14.10
CA SER B 98 13.41 7.55 -15.13
C SER B 98 11.96 7.64 -14.67
N SER B 99 11.52 6.74 -13.80
CA SER B 99 10.13 6.80 -13.32
C SER B 99 9.85 8.12 -12.63
N LEU B 100 10.86 8.75 -12.06
CA LEU B 100 10.64 9.96 -11.27
C LEU B 100 11.55 11.13 -11.62
N ASN B 101 12.58 10.96 -12.45
CA ASN B 101 13.45 12.12 -12.67
C ASN B 101 12.89 13.09 -13.69
N GLY B 102 11.69 12.86 -14.22
CA GLY B 102 11.15 13.75 -15.22
C GLY B 102 11.56 13.43 -16.63
N PHE B 103 12.42 12.43 -16.84
CA PHE B 103 12.82 11.99 -18.16
C PHE B 103 12.31 10.59 -18.47
N GLY B 104 11.13 10.24 -17.97
CA GLY B 104 10.59 8.92 -18.18
C GLY B 104 9.73 8.86 -19.43
N ALA B 105 9.73 7.68 -20.06
CA ALA B 105 8.86 7.37 -21.19
C ALA B 105 7.85 6.29 -20.81
N ARG B 106 6.73 6.23 -21.56
CA ARG B 106 5.68 5.23 -21.34
C ARG B 106 6.25 3.83 -21.12
N SER B 107 7.40 3.54 -21.73
CA SER B 107 8.04 2.24 -21.66
C SER B 107 9.13 2.15 -20.61
N SER B 108 9.42 3.23 -19.90
CA SER B 108 10.49 3.21 -18.90
C SER B 108 10.19 2.17 -17.83
N ASP B 109 11.15 1.30 -17.56
CA ASP B 109 11.02 0.40 -16.42
C ASP B 109 11.25 1.15 -15.12
N GLY B 110 11.02 0.44 -14.01
CA GLY B 110 11.07 1.02 -12.68
C GLY B 110 12.31 0.60 -11.91
N ASP B 111 12.82 1.53 -11.11
CA ASP B 111 13.94 1.32 -10.19
C ASP B 111 13.49 1.62 -8.76
N LEU B 112 13.84 0.75 -7.83
CA LEU B 112 13.51 0.88 -6.42
C LEU B 112 14.76 0.91 -5.59
N CYS B 113 14.77 1.74 -4.54
CA CYS B 113 15.90 1.86 -3.63
C CYS B 113 15.38 1.66 -2.23
N LEU B 114 15.76 0.54 -1.63
CA LEU B 114 15.36 0.18 -0.26
C LEU B 114 16.42 0.71 0.70
N VAL B 115 15.99 1.53 1.66
CA VAL B 115 16.87 2.16 2.62
C VAL B 115 16.57 1.57 3.99
N VAL B 116 17.56 0.90 4.58
CA VAL B 116 17.46 0.33 5.92
C VAL B 116 18.54 0.99 6.79
N LYS B 117 18.16 1.40 7.99
CA LYS B 117 19.10 2.10 8.87
C LYS B 117 20.19 1.17 9.36
N GLU B 130 24.48 -4.16 6.40
CA GLU B 130 24.27 -5.49 5.85
C GLU B 130 23.51 -5.47 4.53
N ALA B 131 23.63 -4.36 3.78
CA ALA B 131 22.89 -4.17 2.53
C ALA B 131 23.05 -5.36 1.61
N ARG B 132 24.21 -6.01 1.67
CA ARG B 132 24.49 -7.19 0.86
C ARG B 132 23.59 -8.36 1.26
N HIS B 133 23.50 -8.64 2.57
CA HIS B 133 22.59 -9.65 3.10
C HIS B 133 21.13 -9.22 2.97
N ILE B 134 20.87 -7.91 3.06
CA ILE B 134 19.51 -7.40 2.91
C ILE B 134 18.97 -7.80 1.55
N LEU B 135 19.77 -7.63 0.51
CA LEU B 135 19.29 -7.95 -0.84
C LEU B 135 18.97 -9.44 -0.97
N THR B 136 19.75 -10.31 -0.34
CA THR B 136 19.47 -11.76 -0.45
C THR B 136 18.23 -12.15 0.32
N LEU B 137 18.02 -11.58 1.51
CA LEU B 137 16.81 -11.85 2.27
C LEU B 137 15.60 -11.39 1.49
N VAL B 138 15.67 -10.18 0.93
CA VAL B 138 14.58 -9.70 0.10
C VAL B 138 14.32 -10.67 -1.05
N HIS B 139 15.39 -11.23 -1.65
CA HIS B 139 15.22 -12.09 -2.80
C HIS B 139 14.52 -13.39 -2.42
N LYS B 140 14.98 -14.05 -1.35
CA LYS B 140 14.27 -15.23 -0.86
C LYS B 140 12.81 -14.92 -0.59
N HIS B 141 12.53 -13.72 -0.05
CA HIS B 141 11.15 -13.36 0.27
C HIS B 141 10.30 -13.19 -0.98
N PHE B 142 10.85 -12.52 -2.01
CA PHE B 142 10.12 -12.37 -3.27
C PHE B 142 9.86 -13.72 -3.91
N CYS B 143 10.80 -14.65 -3.77
CA CYS B 143 10.57 -15.97 -4.34
C CYS B 143 9.52 -16.75 -3.54
N THR B 144 9.52 -16.65 -2.21
CA THR B 144 8.62 -17.52 -1.44
C THR B 144 7.22 -16.92 -1.25
N ARG B 145 7.12 -15.69 -0.73
CA ARG B 145 5.81 -15.15 -0.36
C ARG B 145 5.08 -14.45 -1.50
N LEU B 146 5.79 -13.69 -2.34
CA LEU B 146 5.15 -12.82 -3.30
C LEU B 146 5.05 -13.41 -4.70
N SER B 147 5.32 -14.72 -4.84
CA SER B 147 5.24 -15.34 -6.15
C SER B 147 3.86 -15.20 -6.80
N GLY B 148 2.85 -14.72 -6.06
CA GLY B 148 1.51 -14.56 -6.64
C GLY B 148 1.41 -13.43 -7.65
N TYR B 149 2.26 -12.40 -7.53
CA TYR B 149 2.23 -11.26 -8.44
C TYR B 149 3.61 -10.70 -8.76
N ILE B 150 4.68 -11.43 -8.44
CA ILE B 150 6.06 -10.99 -8.66
C ILE B 150 6.74 -12.11 -9.45
N GLU B 151 7.03 -11.84 -10.73
CA GLU B 151 7.49 -12.86 -11.66
C GLU B 151 9.02 -12.98 -11.62
N ARG B 152 9.48 -14.24 -11.58
CA ARG B 152 10.86 -14.65 -11.83
C ARG B 152 11.92 -13.65 -11.35
N PRO B 153 12.00 -13.39 -10.04
CA PRO B 153 13.01 -12.45 -9.52
C PRO B 153 14.42 -13.05 -9.48
N GLN B 154 15.42 -12.21 -9.84
CA GLN B 154 16.80 -12.66 -10.01
C GLN B 154 17.78 -11.69 -9.36
N LEU B 155 18.83 -12.22 -8.74
CA LEU B 155 19.95 -11.41 -8.23
C LEU B 155 20.95 -11.13 -9.33
N ILE B 156 21.08 -9.86 -9.71
CA ILE B 156 22.13 -9.40 -10.60
C ILE B 156 23.27 -8.84 -9.77
N ARG B 157 24.48 -9.31 -10.02
CA ARG B 157 25.66 -8.85 -9.30
C ARG B 157 26.45 -7.90 -10.20
N ALA B 158 26.56 -6.67 -9.73
CA ALA B 158 27.25 -5.57 -10.40
C ALA B 158 27.69 -4.63 -9.28
N LYS B 159 28.36 -3.53 -9.65
CA LYS B 159 28.83 -2.58 -8.64
C LYS B 159 27.74 -2.29 -7.62
N VAL B 160 26.52 -2.03 -8.10
CA VAL B 160 25.34 -1.97 -7.23
C VAL B 160 24.56 -3.26 -7.42
N PRO B 161 24.67 -4.24 -6.53
CA PRO B 161 23.89 -5.47 -6.68
C PRO B 161 22.41 -5.14 -6.60
N ILE B 162 21.60 -5.85 -7.40
CA ILE B 162 20.17 -5.59 -7.51
C ILE B 162 19.42 -6.89 -7.58
N VAL B 163 18.14 -6.81 -7.26
CA VAL B 163 17.13 -7.82 -7.54
C VAL B 163 16.24 -7.30 -8.67
N LYS B 164 16.15 -8.06 -9.75
CA LYS B 164 15.29 -7.73 -10.88
C LYS B 164 14.04 -8.60 -10.88
N PHE B 165 12.90 -7.99 -11.15
CA PHE B 165 11.64 -8.73 -11.16
C PHE B 165 10.60 -7.95 -11.97
N ARG B 166 9.48 -8.61 -12.24
CA ARG B 166 8.35 -7.98 -12.93
C ARG B 166 7.10 -8.05 -12.04
N ASP B 167 6.46 -6.89 -11.84
CA ASP B 167 5.19 -6.80 -11.13
C ASP B 167 4.03 -7.07 -12.09
N LYS B 168 3.27 -8.15 -11.79
CA LYS B 168 2.16 -8.62 -12.60
C LYS B 168 0.92 -7.74 -12.53
N VAL B 169 0.78 -6.91 -11.51
CA VAL B 169 -0.36 -6.00 -11.47
C VAL B 169 -0.09 -4.78 -12.35
N SER B 170 1.03 -4.11 -12.16
CA SER B 170 1.35 -2.97 -13.00
C SER B 170 2.01 -3.38 -14.31
N CYS B 171 2.38 -4.66 -14.46
CA CYS B 171 3.08 -5.15 -15.64
C CYS B 171 4.42 -4.46 -15.86
N VAL B 172 5.09 -4.03 -14.78
CA VAL B 172 6.29 -3.20 -14.92
C VAL B 172 7.48 -4.01 -14.43
N GLU B 173 8.58 -3.94 -15.19
CA GLU B 173 9.84 -4.54 -14.75
C GLU B 173 10.58 -3.59 -13.83
N PHE B 174 11.13 -4.12 -12.75
CA PHE B 174 11.76 -3.34 -11.69
C PHE B 174 13.13 -3.90 -11.40
N ALA B 175 13.98 -3.01 -10.91
CA ALA B 175 15.29 -3.34 -10.38
C ALA B 175 15.39 -2.72 -8.99
N LEU B 176 15.62 -3.54 -7.97
CA LEU B 176 15.65 -3.08 -6.59
C LEU B 176 17.07 -3.17 -6.07
N ASN B 177 17.54 -2.10 -5.44
CA ASN B 177 18.82 -2.12 -4.78
C ASN B 177 18.64 -1.75 -3.32
N VAL B 178 19.68 -1.92 -2.53
CA VAL B 178 19.66 -1.59 -1.12
C VAL B 178 20.66 -0.47 -0.86
N ASN B 179 20.16 0.69 -0.46
CA ASN B 179 20.94 1.78 0.13
C ASN B 179 21.81 2.58 -0.85
N ASN B 180 21.59 2.46 -2.15
CA ASN B 180 22.33 3.30 -3.10
C ASN B 180 21.68 4.68 -3.13
N THR B 181 21.84 5.41 -2.02
CA THR B 181 21.05 6.63 -1.82
C THR B 181 21.42 7.74 -2.79
N VAL B 182 22.61 7.71 -3.39
CA VAL B 182 22.94 8.74 -4.37
C VAL B 182 21.90 8.75 -5.49
N GLY B 183 21.33 7.59 -5.82
CA GLY B 183 20.26 7.53 -6.81
C GLY B 183 18.99 8.24 -6.38
N ILE B 184 18.74 8.30 -5.08
CA ILE B 184 17.65 9.13 -4.62
C ILE B 184 17.98 10.59 -4.92
N ARG B 185 19.19 10.99 -4.54
CA ARG B 185 19.60 12.39 -4.69
C ARG B 185 19.55 12.82 -6.15
N ASN B 186 20.19 12.05 -7.04
CA ASN B 186 20.21 12.57 -8.40
C ASN B 186 18.85 12.43 -9.09
N THR B 187 17.96 11.52 -8.65
CA THR B 187 16.62 11.52 -9.24
C THR B 187 16.05 12.93 -9.19
N PHE B 188 16.17 13.55 -8.00
CA PHE B 188 15.51 14.83 -7.76
C PHE B 188 16.40 16.01 -8.12
N LEU B 189 17.72 15.80 -8.28
CA LEU B 189 18.48 16.78 -9.03
C LEU B 189 17.95 16.82 -10.46
N LEU B 190 17.86 15.65 -11.10
CA LEU B 190 17.44 15.60 -12.49
C LEU B 190 16.00 16.08 -12.63
N ARG B 191 15.14 15.74 -11.65
CA ARG B 191 13.77 16.23 -11.72
C ARG B 191 13.75 17.75 -11.75
N THR B 192 14.61 18.41 -10.96
CA THR B 192 14.61 19.87 -10.98
C THR B 192 15.14 20.42 -12.30
N TYR B 193 16.11 19.73 -12.93
CA TYR B 193 16.50 20.10 -14.29
C TYR B 193 15.40 19.79 -15.30
N ALA B 194 14.69 18.67 -15.14
CA ALA B 194 13.70 18.31 -16.14
C ALA B 194 12.58 19.34 -16.27
N TYR B 195 12.22 20.04 -15.18
CA TYR B 195 11.11 20.98 -15.23
C TYR B 195 11.54 22.45 -15.09
N LEU B 196 12.84 22.73 -15.16
CA LEU B 196 13.32 24.11 -15.04
C LEU B 196 13.04 24.93 -16.27
N GLU B 197 12.94 24.30 -17.44
CA GLU B 197 12.59 25.00 -18.67
C GLU B 197 11.91 24.02 -19.60
N ASN B 198 10.97 24.54 -20.41
CA ASN B 198 10.06 23.73 -21.19
C ASN B 198 10.74 22.92 -22.29
N ARG B 199 12.00 23.23 -22.65
CA ARG B 199 12.68 22.51 -23.73
C ARG B 199 13.43 21.26 -23.26
N VAL B 200 13.74 21.18 -21.96
CA VAL B 200 14.64 20.13 -21.46
C VAL B 200 14.04 18.75 -21.72
N ARG B 201 12.75 18.56 -21.40
CA ARG B 201 12.18 17.22 -21.45
C ARG B 201 11.94 16.71 -22.86
N PRO B 202 11.33 17.48 -23.79
CA PRO B 202 11.23 16.98 -25.18
C PRO B 202 12.58 16.70 -25.79
N LEU B 203 13.58 17.55 -25.50
CA LEU B 203 14.91 17.34 -26.07
C LEU B 203 15.55 16.06 -25.55
N VAL B 204 15.49 15.85 -24.22
CA VAL B 204 16.04 14.63 -23.64
C VAL B 204 15.30 13.40 -24.15
N LEU B 205 13.97 13.50 -24.31
CA LEU B 205 13.26 12.30 -24.73
C LEU B 205 13.65 11.91 -26.15
N VAL B 206 13.68 12.88 -27.07
CA VAL B 206 14.06 12.53 -28.45
C VAL B 206 15.50 11.99 -28.51
N ILE B 207 16.40 12.50 -27.67
CA ILE B 207 17.77 12.02 -27.69
C ILE B 207 17.86 10.60 -27.09
N LYS B 208 17.09 10.32 -26.03
CA LYS B 208 17.01 8.96 -25.48
C LYS B 208 16.49 7.97 -26.53
N LYS B 209 15.40 8.32 -27.21
CA LYS B 209 14.85 7.45 -28.23
C LYS B 209 15.85 7.22 -29.34
N TRP B 210 16.55 8.29 -29.73
CA TRP B 210 17.58 8.20 -30.77
C TRP B 210 18.69 7.24 -30.36
N ALA B 211 19.25 7.44 -29.17
CA ALA B 211 20.33 6.57 -28.73
C ALA B 211 19.89 5.12 -28.68
N SER B 212 18.66 4.84 -28.22
CA SER B 212 18.22 3.46 -28.20
C SER B 212 18.14 2.90 -29.60
N HIS B 213 17.63 3.70 -30.55
CA HIS B 213 17.42 3.16 -31.89
C HIS B 213 18.74 2.73 -32.54
N HIS B 214 19.85 3.42 -32.27
CA HIS B 214 21.14 3.08 -32.90
C HIS B 214 22.04 2.20 -32.02
N GLU B 215 21.51 1.61 -30.94
CA GLU B 215 22.24 0.64 -30.11
C GLU B 215 23.50 1.21 -29.45
N ILE B 216 23.41 2.46 -29.00
CA ILE B 216 24.47 3.08 -28.19
C ILE B 216 23.97 3.46 -26.81
N ASN B 217 22.85 2.89 -26.35
CA ASN B 217 22.30 3.24 -25.04
C ASN B 217 22.12 2.01 -24.13
N ASP B 218 23.22 1.30 -23.84
CA ASP B 218 23.19 0.12 -22.95
C ASP B 218 24.54 -0.02 -22.26
N ALA B 219 24.60 0.36 -20.98
CA ALA B 219 25.85 0.17 -20.24
C ALA B 219 26.25 -1.30 -20.15
N SER B 220 25.30 -2.24 -20.12
CA SER B 220 25.71 -3.64 -20.03
C SER B 220 26.36 -4.14 -21.32
N ARG B 221 26.05 -3.50 -22.46
CA ARG B 221 26.55 -3.86 -23.78
C ARG B 221 27.76 -3.02 -24.22
N GLY B 222 28.34 -2.25 -23.31
CA GLY B 222 29.53 -1.48 -23.60
C GLY B 222 29.29 -0.02 -23.90
N THR B 223 28.03 0.43 -24.03
CA THR B 223 27.81 1.81 -24.46
C THR B 223 27.31 2.68 -23.28
N LEU B 224 26.58 3.75 -23.58
CA LEU B 224 26.26 4.81 -22.65
C LEU B 224 25.00 4.49 -21.86
N SER B 225 25.09 4.62 -20.54
CA SER B 225 23.89 4.45 -19.71
C SER B 225 22.96 5.63 -19.91
N SER B 226 21.67 5.41 -19.62
CA SER B 226 20.69 6.49 -19.77
C SER B 226 21.07 7.71 -18.93
N TYR B 227 21.63 7.47 -17.74
CA TYR B 227 22.04 8.57 -16.87
C TYR B 227 23.14 9.39 -17.53
N SER B 228 24.09 8.72 -18.18
CA SER B 228 25.14 9.43 -18.91
C SER B 228 24.56 10.31 -20.01
N LEU B 229 23.63 9.78 -20.81
CA LEU B 229 23.03 10.57 -21.89
C LEU B 229 22.38 11.83 -21.36
N VAL B 230 21.53 11.67 -20.35
CA VAL B 230 20.88 12.83 -19.75
C VAL B 230 21.92 13.84 -19.29
N LEU B 231 22.98 13.37 -18.65
CA LEU B 231 23.97 14.32 -18.18
C LEU B 231 24.63 15.03 -19.33
N MET B 232 24.70 14.36 -20.50
CA MET B 232 25.33 14.94 -21.68
C MET B 232 24.43 16.01 -22.32
N VAL B 233 23.13 15.72 -22.44
CA VAL B 233 22.14 16.74 -22.81
C VAL B 233 22.23 17.94 -21.87
N LEU B 234 22.16 17.69 -20.56
CA LEU B 234 22.20 18.79 -19.59
C LEU B 234 23.50 19.58 -19.68
N HIS B 235 24.62 18.90 -19.95
CA HIS B 235 25.88 19.62 -20.14
C HIS B 235 25.77 20.57 -21.32
N TYR B 236 25.30 20.05 -22.45
CA TYR B 236 25.10 20.91 -23.63
C TYR B 236 24.18 22.08 -23.31
N LEU B 237 23.08 21.83 -22.61
CA LEU B 237 22.19 22.94 -22.28
C LEU B 237 22.83 23.93 -21.32
N GLN B 238 23.83 23.48 -20.53
CA GLN B 238 24.49 24.34 -19.55
C GLN B 238 25.59 25.21 -20.16
N THR B 239 26.16 24.79 -21.29
CA THR B 239 27.33 25.49 -21.82
C THR B 239 27.08 26.22 -23.15
N LEU B 240 25.82 26.37 -23.56
CA LEU B 240 25.51 27.12 -24.75
C LEU B 240 26.01 28.57 -24.58
N PRO B 241 26.46 29.23 -25.67
CA PRO B 241 26.87 30.64 -25.54
C PRO B 241 25.86 31.43 -24.72
N GLU B 242 24.58 31.17 -24.96
CA GLU B 242 23.52 31.68 -24.08
C GLU B 242 22.81 30.49 -23.43
N PRO B 243 23.10 30.18 -22.16
CA PRO B 243 22.78 28.86 -21.61
C PRO B 243 21.29 28.66 -21.35
N ILE B 244 20.84 27.42 -21.54
CA ILE B 244 19.46 27.05 -21.20
C ILE B 244 19.38 26.47 -19.77
N LEU B 245 20.52 26.12 -19.16
CA LEU B 245 20.51 25.61 -17.81
C LEU B 245 21.64 26.18 -16.97
N PRO B 246 21.36 26.49 -15.70
CA PRO B 246 22.44 26.87 -14.78
C PRO B 246 23.01 25.65 -14.09
N SER B 247 23.80 25.84 -13.05
CA SER B 247 24.17 24.73 -12.17
C SER B 247 23.31 24.85 -10.93
N LEU B 248 22.40 23.89 -10.75
CA LEU B 248 21.51 23.95 -9.59
C LEU B 248 22.27 23.77 -8.28
N GLN B 249 23.32 22.94 -8.31
CA GLN B 249 24.07 22.63 -7.10
C GLN B 249 24.91 23.80 -6.62
N LYS B 250 25.38 24.64 -7.54
CA LYS B 250 26.07 25.86 -7.13
C LYS B 250 25.11 26.85 -6.52
N ILE B 251 23.92 26.99 -7.10
CA ILE B 251 23.00 28.06 -6.71
C ILE B 251 22.16 27.67 -5.49
N TYR B 252 21.76 26.40 -5.36
CA TYR B 252 20.85 25.98 -4.27
C TYR B 252 21.41 24.79 -3.49
N PRO B 253 22.53 24.98 -2.80
CA PRO B 253 23.09 23.89 -2.00
C PRO B 253 22.16 23.50 -0.85
N GLU B 254 21.27 24.41 -0.44
CA GLU B 254 20.24 24.09 0.55
C GLU B 254 19.35 22.95 0.09
N SER B 255 19.15 22.83 -1.24
CA SER B 255 18.21 21.87 -1.81
C SER B 255 18.85 20.60 -2.34
N PHE B 256 20.16 20.61 -2.64
CA PHE B 256 20.82 19.46 -3.23
C PHE B 256 22.09 19.05 -2.48
N SER B 257 22.36 19.62 -1.31
CA SER B 257 23.50 19.18 -0.53
C SER B 257 23.27 17.76 -0.04
N THR B 258 24.37 16.99 0.05
CA THR B 258 24.28 15.64 0.61
C THR B 258 23.98 15.67 2.10
N SER B 259 23.93 16.85 2.71
CA SER B 259 23.49 17.00 4.08
C SER B 259 21.97 17.13 4.19
N VAL B 260 21.28 17.38 3.08
CA VAL B 260 19.81 17.36 3.05
C VAL B 260 19.33 15.95 3.35
N GLN B 261 18.45 15.81 4.34
CA GLN B 261 17.90 14.51 4.72
C GLN B 261 17.10 13.90 3.58
N LEU B 262 17.22 12.57 3.42
CA LEU B 262 16.65 11.91 2.24
C LEU B 262 15.15 12.18 2.09
N HIS B 263 14.40 12.16 3.19
CA HIS B 263 12.96 12.29 3.07
C HIS B 263 12.54 13.69 2.62
N LEU B 264 13.47 14.65 2.59
CA LEU B 264 13.20 16.00 2.11
C LEU B 264 13.79 16.25 0.72
N VAL B 265 14.43 15.26 0.11
CA VAL B 265 15.12 15.48 -1.17
C VAL B 265 14.11 15.89 -2.25
N HIS B 266 12.93 15.26 -2.25
CA HIS B 266 11.91 15.54 -3.26
C HIS B 266 11.33 16.95 -3.14
N HIS B 267 11.69 17.70 -2.07
CA HIS B 267 11.24 19.09 -2.01
C HIS B 267 11.93 19.96 -3.06
N ALA B 268 13.12 19.57 -3.54
CA ALA B 268 13.90 20.47 -4.39
C ALA B 268 13.12 20.96 -5.60
N PRO B 269 12.42 20.12 -6.39
CA PRO B 269 11.69 20.64 -7.56
C PRO B 269 10.58 21.62 -7.23
N CYS B 270 10.00 21.55 -6.02
CA CYS B 270 8.98 22.51 -5.62
C CYS B 270 9.55 23.83 -5.12
N ASN B 271 10.80 23.85 -4.62
CA ASN B 271 11.40 25.08 -4.10
C ASN B 271 12.15 25.90 -5.15
N VAL B 272 12.83 25.26 -6.10
CA VAL B 272 13.71 26.01 -7.01
C VAL B 272 12.85 26.75 -8.02
N PRO B 273 13.08 28.04 -8.26
CA PRO B 273 12.24 28.78 -9.20
C PRO B 273 12.56 28.39 -10.62
N PRO B 274 11.68 28.73 -11.56
CA PRO B 274 11.95 28.42 -12.97
C PRO B 274 13.01 29.33 -13.54
N TYR B 275 13.63 28.86 -14.62
CA TYR B 275 14.76 29.53 -15.25
C TYR B 275 14.30 30.21 -16.52
N LEU B 276 14.53 31.51 -16.61
CA LEU B 276 14.26 32.27 -17.81
C LEU B 276 15.56 32.42 -18.55
N SER B 277 15.61 31.88 -19.77
CA SER B 277 16.82 31.88 -20.58
C SER B 277 16.64 32.75 -21.82
N LYS B 278 17.73 33.41 -22.20
CA LYS B 278 17.82 34.29 -23.34
C LYS B 278 18.03 33.55 -24.66
N ASN B 279 18.36 32.26 -24.62
CA ASN B 279 18.80 31.50 -25.80
C ASN B 279 17.71 31.43 -26.86
N GLU B 280 16.63 30.70 -26.58
CA GLU B 280 15.44 30.65 -27.44
C GLU B 280 15.66 29.99 -28.79
N SER B 281 16.75 29.24 -28.96
CA SER B 281 16.86 28.34 -30.12
C SER B 281 15.71 27.35 -30.05
N SER B 282 15.12 27.03 -31.19
CA SER B 282 14.04 26.06 -31.19
C SER B 282 14.57 24.68 -30.82
N LEU B 283 13.64 23.74 -30.63
CA LEU B 283 13.99 22.38 -30.23
C LEU B 283 14.84 21.66 -31.26
N GLY B 284 14.55 21.89 -32.55
CA GLY B 284 15.31 21.21 -33.59
C GLY B 284 16.71 21.77 -33.74
N ASP B 285 16.86 23.09 -33.56
CA ASP B 285 18.21 23.67 -33.49
C ASP B 285 19.02 23.01 -32.38
N LEU B 286 18.40 22.77 -31.21
CA LEU B 286 19.15 22.19 -30.10
C LEU B 286 19.51 20.73 -30.35
N LEU B 287 18.63 19.97 -31.01
CA LEU B 287 19.02 18.59 -31.35
C LEU B 287 20.18 18.57 -32.35
N LEU B 288 20.08 19.37 -33.43
CA LEU B 288 21.20 19.47 -34.36
C LEU B 288 22.48 19.92 -33.64
N GLY B 289 22.37 20.94 -32.80
CA GLY B 289 23.54 21.43 -32.09
C GLY B 289 24.11 20.40 -31.14
N PHE B 290 23.24 19.59 -30.52
CA PHE B 290 23.71 18.56 -29.61
C PHE B 290 24.48 17.50 -30.38
N LEU B 291 23.93 17.06 -31.51
CA LEU B 291 24.64 16.06 -32.32
C LEU B 291 25.94 16.62 -32.86
N LYS B 292 25.90 17.84 -33.39
CA LYS B 292 27.13 18.43 -33.91
C LYS B 292 28.17 18.55 -32.80
N TYR B 293 27.70 18.88 -31.59
CA TYR B 293 28.57 19.11 -30.45
C TYR B 293 29.31 17.83 -30.10
N TYR B 294 28.58 16.73 -29.97
CA TYR B 294 29.27 15.51 -29.57
C TYR B 294 30.00 14.87 -30.73
N ALA B 295 29.58 15.13 -31.96
CA ALA B 295 30.30 14.61 -33.12
C ALA B 295 31.64 15.32 -33.33
N THR B 296 31.71 16.62 -33.05
CA THR B 296 32.92 17.33 -33.47
C THR B 296 33.55 18.18 -32.36
N GLU B 297 32.77 18.79 -31.47
CA GLU B 297 33.35 19.87 -30.67
C GLU B 297 33.92 19.42 -29.35
N PHE B 298 33.47 18.30 -28.80
CA PHE B 298 33.82 17.89 -27.45
C PHE B 298 35.03 16.96 -27.49
N ASP B 299 36.10 17.33 -26.79
CA ASP B 299 37.34 16.57 -26.84
C ASP B 299 37.30 15.50 -25.75
N TRP B 300 36.74 14.33 -26.12
CA TRP B 300 36.59 13.22 -25.16
C TRP B 300 37.90 12.92 -24.45
N ASN B 301 39.01 13.01 -25.16
CA ASN B 301 40.23 12.42 -24.67
C ASN B 301 40.88 13.29 -23.59
N THR B 302 40.48 14.55 -23.48
CA THR B 302 41.05 15.45 -22.49
C THR B 302 40.01 16.03 -21.54
N GLN B 303 38.74 15.92 -21.84
CA GLN B 303 37.77 16.69 -21.10
C GLN B 303 36.76 15.78 -20.40
N MET B 304 36.15 16.34 -19.39
CA MET B 304 35.17 15.66 -18.56
C MET B 304 33.94 16.53 -18.51
N ILE B 305 32.79 15.89 -18.48
CA ILE B 305 31.52 16.61 -18.45
C ILE B 305 31.13 16.74 -16.99
N SER B 306 31.08 17.98 -16.49
CA SER B 306 30.77 18.24 -15.09
C SER B 306 29.52 19.12 -15.04
N VAL B 307 28.37 18.46 -14.90
CA VAL B 307 27.10 19.13 -14.66
C VAL B 307 27.11 19.84 -13.31
N ARG B 308 27.79 19.27 -12.30
CA ARG B 308 27.84 19.95 -11.01
C ARG B 308 28.50 21.32 -11.13
N GLU B 309 29.50 21.44 -11.99
CA GLU B 309 30.16 22.72 -12.22
C GLU B 309 29.59 23.50 -13.40
N ALA B 310 28.63 22.92 -14.13
CA ALA B 310 28.09 23.54 -15.35
C ALA B 310 29.20 23.86 -16.34
N LYS B 311 30.19 22.97 -16.43
CA LYS B 311 31.36 23.18 -17.28
C LYS B 311 31.85 21.84 -17.84
N ALA B 312 32.64 21.94 -18.91
CA ALA B 312 33.57 20.88 -19.26
C ALA B 312 34.91 21.23 -18.60
N ILE B 313 35.47 20.28 -17.86
CA ILE B 313 36.71 20.56 -17.14
C ILE B 313 37.75 19.57 -17.63
N PRO B 314 39.03 19.82 -17.39
CA PRO B 314 40.03 18.83 -17.79
C PRO B 314 39.91 17.56 -16.95
N ARG B 315 40.16 16.43 -17.59
CA ARG B 315 40.15 15.15 -16.92
C ARG B 315 41.19 15.18 -15.81
N PRO B 316 40.86 14.75 -14.59
CA PRO B 316 41.90 14.71 -13.56
C PRO B 316 42.91 13.63 -13.95
N ASP B 317 44.17 14.02 -14.05
CA ASP B 317 45.23 13.10 -14.47
C ASP B 317 45.78 12.30 -13.30
N ASP B 318 44.90 11.93 -12.35
CA ASP B 318 45.28 11.21 -11.14
C ASP B 318 45.24 9.68 -11.26
N MET B 319 45.27 9.12 -12.48
CA MET B 319 45.22 7.68 -12.78
C MET B 319 43.81 7.09 -12.75
N GLU B 320 42.85 7.73 -12.08
CA GLU B 320 41.49 7.24 -12.14
C GLU B 320 40.95 7.33 -13.56
N TRP B 321 41.15 8.50 -14.18
CA TRP B 321 40.54 8.88 -15.44
C TRP B 321 41.44 8.70 -16.65
N ARG B 322 42.74 8.43 -16.46
CA ARG B 322 43.67 8.46 -17.58
C ARG B 322 43.32 7.41 -18.64
N ASN B 323 42.67 6.32 -18.24
CA ASN B 323 42.37 5.20 -19.12
C ASN B 323 41.02 5.31 -19.82
N LYS B 324 40.12 6.12 -19.28
CA LYS B 324 38.74 6.09 -19.72
C LYS B 324 38.57 6.78 -21.08
N TYR B 325 37.57 6.34 -21.86
CA TYR B 325 37.26 6.97 -23.14
C TYR B 325 36.31 8.14 -23.00
N ILE B 326 35.32 7.99 -22.12
CA ILE B 326 34.28 8.99 -21.92
C ILE B 326 34.20 9.24 -20.42
N CYS B 327 34.25 10.51 -20.03
CA CYS B 327 34.30 10.88 -18.62
C CYS B 327 33.12 11.78 -18.34
N VAL B 328 32.09 11.23 -17.72
CA VAL B 328 30.92 12.01 -17.31
C VAL B 328 30.87 11.93 -15.80
N GLU B 329 31.10 13.06 -15.14
CA GLU B 329 31.23 13.08 -13.69
C GLU B 329 29.84 12.99 -13.02
N GLU B 330 29.64 11.96 -12.17
CA GLU B 330 28.45 11.90 -11.33
C GLU B 330 28.34 13.19 -10.53
N PRO B 331 27.17 13.81 -10.43
CA PRO B 331 27.11 15.13 -9.75
C PRO B 331 27.32 15.09 -8.23
N PHE B 332 27.07 13.97 -7.53
CA PHE B 332 27.21 13.91 -6.07
C PHE B 332 28.50 13.25 -5.59
N ASP B 333 28.88 12.12 -6.18
CA ASP B 333 30.23 11.60 -6.00
C ASP B 333 30.98 11.84 -7.30
N GLY B 334 32.28 11.67 -7.29
CA GLY B 334 32.91 12.08 -8.54
C GLY B 334 33.13 10.92 -9.48
N THR B 335 32.33 9.86 -9.37
CA THR B 335 32.61 8.68 -10.16
C THR B 335 32.20 8.93 -11.60
N ASN B 336 32.75 8.12 -12.48
CA ASN B 336 32.49 8.24 -13.90
C ASN B 336 31.23 7.45 -14.23
N THR B 337 30.14 8.16 -14.56
CA THR B 337 28.89 7.47 -14.86
C THR B 337 28.99 6.69 -16.15
N ALA B 338 29.85 7.11 -17.08
CA ALA B 338 30.05 6.43 -18.35
C ALA B 338 31.18 5.39 -18.29
N ARG B 339 31.56 4.98 -17.08
CA ARG B 339 32.62 4.01 -16.88
C ARG B 339 32.42 2.74 -17.68
N ALA B 340 31.17 2.39 -18.04
CA ALA B 340 30.93 1.16 -18.78
C ALA B 340 31.44 1.17 -20.20
N VAL B 341 31.79 2.33 -20.76
CA VAL B 341 32.36 2.40 -22.11
C VAL B 341 33.86 2.15 -21.96
N HIS B 342 34.30 0.90 -22.13
CA HIS B 342 35.68 0.56 -21.87
C HIS B 342 36.40 -0.07 -23.05
N GLU B 343 35.71 -0.34 -24.16
CA GLU B 343 36.32 -0.91 -25.36
C GLU B 343 36.39 0.15 -26.47
N LYS B 344 37.56 0.28 -27.08
CA LYS B 344 37.74 1.33 -28.10
C LYS B 344 36.74 1.11 -29.22
N GLN B 345 36.36 -0.14 -29.49
CA GLN B 345 35.41 -0.36 -30.60
C GLN B 345 34.09 0.34 -30.30
N LYS B 346 33.63 0.18 -29.06
CA LYS B 346 32.35 0.74 -28.57
C LYS B 346 32.44 2.27 -28.58
N PHE B 347 33.57 2.79 -28.17
CA PHE B 347 33.76 4.26 -28.16
C PHE B 347 33.68 4.77 -29.60
N ASP B 348 34.29 4.06 -30.53
CA ASP B 348 34.26 4.44 -31.95
C ASP B 348 32.83 4.38 -32.47
N MET B 349 32.08 3.36 -32.08
CA MET B 349 30.66 3.29 -32.51
C MET B 349 29.93 4.53 -32.00
N ILE B 350 30.14 4.93 -30.74
CA ILE B 350 29.43 6.12 -30.22
C ILE B 350 29.80 7.32 -31.08
N LYS B 351 31.09 7.51 -31.32
CA LYS B 351 31.51 8.69 -32.09
C LYS B 351 30.96 8.68 -33.52
N ASP B 352 30.99 7.54 -34.19
CA ASP B 352 30.52 7.47 -35.59
C ASP B 352 29.04 7.76 -35.64
N GLN B 353 28.30 7.22 -34.67
CA GLN B 353 26.85 7.43 -34.65
C GLN B 353 26.59 8.92 -34.45
N PHE B 354 27.33 9.58 -33.60
CA PHE B 354 27.05 11.03 -33.49
C PHE B 354 27.35 11.72 -34.83
N LEU B 355 28.45 11.36 -35.49
CA LEU B 355 28.76 12.03 -36.77
C LEU B 355 27.73 11.73 -37.85
N LYS B 356 27.37 10.47 -38.05
CA LYS B 356 26.43 10.08 -39.10
C LYS B 356 25.05 10.71 -38.88
N SER B 357 24.55 10.66 -37.64
CA SER B 357 23.23 11.23 -37.38
C SER B 357 23.25 12.74 -37.57
N TRP B 358 24.29 13.42 -37.08
CA TRP B 358 24.37 14.86 -37.33
C TRP B 358 24.43 15.16 -38.84
N GLN B 359 25.06 14.29 -39.63
CA GLN B 359 25.17 14.53 -41.07
C GLN B 359 23.83 14.39 -41.76
N ARG B 360 23.16 13.26 -41.52
CA ARG B 360 21.85 12.98 -42.10
C ARG B 360 20.82 14.01 -41.63
N LEU B 361 20.89 14.41 -40.36
CA LEU B 361 19.97 15.42 -39.88
C LEU B 361 20.25 16.76 -40.53
N LYS B 362 21.52 17.14 -40.67
CA LYS B 362 21.85 18.40 -41.35
C LYS B 362 21.36 18.38 -42.80
N ASN B 363 21.52 17.24 -43.49
CA ASN B 363 21.19 17.17 -44.92
C ASN B 363 19.69 17.23 -45.14
N LYS B 364 18.91 16.52 -44.34
CA LYS B 364 17.48 16.47 -44.57
C LYS B 364 16.67 17.33 -43.61
N ARG B 365 17.14 17.50 -42.38
CA ARG B 365 16.44 18.25 -41.34
C ARG B 365 15.04 17.67 -41.10
N ASP B 366 14.94 16.36 -41.25
CA ASP B 366 13.75 15.61 -40.90
C ASP B 366 14.15 14.66 -39.79
N LEU B 367 13.31 14.57 -38.75
CA LEU B 367 13.63 13.64 -37.68
C LEU B 367 13.69 12.20 -38.21
N ASN B 368 12.95 11.90 -39.28
CA ASN B 368 12.91 10.55 -39.82
C ASN B 368 14.25 10.09 -40.41
N SER B 369 15.09 11.02 -40.84
CA SER B 369 16.39 10.63 -41.38
C SER B 369 17.30 10.05 -40.31
N VAL B 370 17.03 10.39 -39.06
CA VAL B 370 17.84 9.97 -37.92
C VAL B 370 17.09 9.05 -36.94
N LEU B 371 15.74 9.00 -37.02
CA LEU B 371 14.87 8.15 -36.19
C LEU B 371 13.57 7.88 -36.95
N PRO B 372 13.33 6.66 -37.42
CA PRO B 372 12.02 6.36 -38.02
C PRO B 372 10.86 6.51 -37.03
N LEU B 373 9.95 7.43 -37.34
CA LEU B 373 8.74 7.68 -36.54
C LEU B 373 7.76 6.51 -36.68
#